data_1ZKP
#
_entry.id   1ZKP
#
_cell.length_a   73.375
_cell.length_b   91.190
_cell.length_c   78.466
_cell.angle_alpha   90.00
_cell.angle_beta   115.31
_cell.angle_gamma   90.00
#
_symmetry.space_group_name_H-M   'P 1 21 1'
#
loop_
_entity.id
_entity.type
_entity.pdbx_description
1 polymer 'hypothetical protein BA1088'
2 non-polymer 'ZINC ION'
3 non-polymer 'SODIUM ION'
4 non-polymer 'CHLORIDE ION'
5 water water
#
_entity_poly.entity_id   1
_entity_poly.type   'polypeptide(L)'
_entity_poly.pdbx_seq_one_letter_code
;(MSE)HHHHHHSSGVDLGTENLYFQSNA(MSE)K(MSE)TVVGFWGGFPEAGEATSGYLFEHDGFRLLVDCGSGVLAQLQ
KYITPSDIDAVVLSHYHHDHVADIGVLQYARLITSATKGQLPELPIYGHTFDENGFHSLTHEPHTKGIPYNPEETLQIGP
FSISFLKTVHPVTCFA(MSE)RITAGNDIVVYSADSSYIPEFIPFTKDADLFICECN(MSE)YAHQEAAKAGH(MSE)NS
TEVASIAKDANVKELLLTHLPHTGNPADLVTEAKQIFSGHITLAHSGYVWNS
;
_entity_poly.pdbx_strand_id   A,B,C,D
#
# COMPACT_ATOMS: atom_id res chain seq x y z
N LEU A 18 21.52 -24.18 -28.45
CA LEU A 18 20.30 -23.48 -27.95
C LEU A 18 20.20 -22.06 -28.49
N TYR A 19 18.97 -21.58 -28.61
CA TYR A 19 18.70 -20.30 -29.24
C TYR A 19 18.00 -19.33 -28.31
N PHE A 20 18.38 -19.36 -27.03
CA PHE A 20 17.86 -18.40 -26.07
C PHE A 20 18.69 -17.13 -26.13
N GLN A 21 18.00 -16.01 -26.26
CA GLN A 21 18.66 -14.73 -26.46
C GLN A 21 19.25 -14.21 -25.16
N SER A 22 20.39 -13.53 -25.28
CA SER A 22 20.97 -12.77 -24.18
C SER A 22 20.30 -11.41 -24.06
N ASN A 23 20.49 -10.77 -22.92
CA ASN A 23 19.96 -9.41 -22.70
C ASN A 23 18.46 -9.29 -22.86
N ALA A 24 17.76 -10.37 -22.52
CA ALA A 24 16.31 -10.43 -22.62
C ALA A 24 15.70 -11.04 -21.36
N LYS A 26 14.39 -10.33 -17.39
CA LYS A 26 13.88 -9.32 -16.47
C LYS A 26 13.76 -9.98 -15.11
N THR A 28 12.23 -9.12 -11.28
CA THR A 28 11.46 -8.22 -10.42
C THR A 28 11.49 -8.72 -8.96
N VAL A 29 11.86 -7.85 -8.04
CA VAL A 29 11.81 -8.19 -6.61
C VAL A 29 10.37 -8.23 -6.15
N VAL A 30 9.93 -9.41 -5.71
CA VAL A 30 8.59 -9.57 -5.16
C VAL A 30 8.60 -9.40 -3.65
N GLY A 31 9.52 -10.09 -2.97
CA GLY A 31 9.73 -9.89 -1.52
C GLY A 31 11.21 -9.94 -1.18
N PHE A 32 11.60 -9.28 -0.10
CA PHE A 32 13.02 -9.04 0.16
C PHE A 32 13.37 -9.00 1.65
N TRP A 33 12.38 -9.06 2.55
CA TRP A 33 12.65 -9.01 4.00
C TRP A 33 13.21 -10.34 4.50
N GLY A 34 14.19 -10.28 5.40
CA GLY A 34 14.69 -11.51 6.05
C GLY A 34 13.75 -11.95 7.15
N GLY A 35 13.50 -13.25 7.22
CA GLY A 35 12.80 -13.86 8.38
C GLY A 35 11.29 -13.70 8.44
N PHE A 36 10.81 -12.45 8.38
CA PHE A 36 9.37 -12.15 8.38
C PHE A 36 9.19 -10.81 7.65
N PRO A 37 7.99 -10.58 7.09
CA PRO A 37 7.77 -9.35 6.32
C PRO A 37 7.44 -8.16 7.18
N GLU A 38 7.87 -6.98 6.73
N GLU A 38 7.83 -6.97 6.73
CA GLU A 38 7.35 -5.72 7.29
CA GLU A 38 7.33 -5.73 7.33
C GLU A 38 5.95 -5.47 6.74
C GLU A 38 6.01 -5.36 6.64
N ALA A 39 5.29 -4.41 7.24
CA ALA A 39 3.90 -4.13 6.88
C ALA A 39 3.67 -4.06 5.38
N GLY A 40 2.67 -4.81 4.88
CA GLY A 40 2.27 -4.76 3.47
C GLY A 40 3.28 -5.30 2.46
N GLU A 41 4.31 -6.00 2.93
CA GLU A 41 5.35 -6.48 2.03
C GLU A 41 5.56 -7.98 2.17
N ALA A 42 6.73 -8.47 1.75
CA ALA A 42 6.96 -9.91 1.68
C ALA A 42 8.40 -10.28 1.97
N THR A 43 8.60 -11.55 2.34
CA THR A 43 9.95 -12.12 2.44
C THR A 43 10.38 -12.67 1.07
N SER A 44 11.48 -13.40 1.04
CA SER A 44 12.17 -13.75 -0.21
C SER A 44 11.28 -14.26 -1.33
N GLY A 45 11.32 -13.58 -2.47
CA GLY A 45 10.65 -14.05 -3.69
C GLY A 45 11.10 -13.14 -4.82
N TYR A 46 11.58 -13.73 -5.91
CA TYR A 46 12.15 -12.99 -7.03
C TYR A 46 11.60 -13.56 -8.32
N LEU A 47 11.02 -12.70 -9.16
CA LEU A 47 10.41 -13.18 -10.39
C LEU A 47 11.38 -12.98 -11.57
N PHE A 48 11.73 -14.08 -12.24
CA PHE A 48 12.59 -14.02 -13.43
C PHE A 48 11.74 -14.28 -14.67
N GLU A 49 11.89 -13.45 -15.70
CA GLU A 49 11.11 -13.60 -16.92
C GLU A 49 12.02 -13.55 -18.14
N HIS A 50 11.80 -14.43 -19.09
CA HIS A 50 12.56 -14.48 -20.33
C HIS A 50 11.63 -15.03 -21.40
N ASP A 51 11.42 -14.25 -22.45
CA ASP A 51 10.52 -14.60 -23.56
C ASP A 51 9.21 -15.29 -23.10
N GLY A 52 8.53 -14.66 -22.15
CA GLY A 52 7.23 -15.14 -21.68
C GLY A 52 7.26 -16.28 -20.67
N PHE A 53 8.45 -16.77 -20.34
CA PHE A 53 8.58 -17.83 -19.31
C PHE A 53 8.78 -17.16 -17.96
N ARG A 54 7.92 -17.51 -16.99
CA ARG A 54 7.92 -16.89 -15.66
C ARG A 54 8.42 -17.91 -14.62
N LEU A 55 9.60 -17.65 -14.07
CA LEU A 55 10.21 -18.49 -13.03
C LEU A 55 10.22 -17.75 -11.70
N LEU A 56 9.61 -18.32 -10.67
CA LEU A 56 9.63 -17.72 -9.34
C LEU A 56 10.75 -18.36 -8.53
N VAL A 57 11.68 -17.54 -8.06
CA VAL A 57 12.79 -18.00 -7.21
C VAL A 57 12.45 -17.67 -5.75
N ASP A 58 12.23 -18.72 -4.97
CA ASP A 58 11.73 -18.65 -3.58
C ASP A 58 10.30 -18.12 -3.49
N CYS A 59 9.62 -18.46 -2.39
CA CYS A 59 8.19 -18.24 -2.32
C CYS A 59 7.78 -18.06 -0.86
N GLY A 60 8.29 -16.98 -0.27
CA GLY A 60 8.12 -16.73 1.16
C GLY A 60 6.79 -16.13 1.53
N SER A 61 6.74 -15.60 2.74
CA SER A 61 5.53 -15.02 3.30
C SER A 61 5.16 -13.73 2.59
N GLY A 62 3.90 -13.63 2.19
CA GLY A 62 3.40 -12.45 1.48
C GLY A 62 3.75 -12.44 0.02
N VAL A 63 4.46 -13.46 -0.45
CA VAL A 63 4.93 -13.46 -1.85
C VAL A 63 3.78 -13.67 -2.84
N LEU A 64 2.84 -14.55 -2.54
CA LEU A 64 1.75 -14.78 -3.49
C LEU A 64 0.91 -13.50 -3.63
N ALA A 65 0.64 -12.82 -2.50
CA ALA A 65 -0.04 -11.52 -2.54
C ALA A 65 0.72 -10.47 -3.36
N GLN A 66 2.03 -10.36 -3.13
CA GLN A 66 2.84 -9.37 -3.84
C GLN A 66 3.03 -9.72 -5.31
N LEU A 67 3.15 -11.01 -5.61
CA LEU A 67 3.41 -11.46 -6.97
C LEU A 67 2.34 -10.96 -7.94
N GLN A 68 1.11 -10.87 -7.45
CA GLN A 68 -0.04 -10.56 -8.28
C GLN A 68 -0.12 -9.08 -8.64
N LYS A 69 0.83 -8.30 -8.13
CA LYS A 69 1.06 -6.95 -8.68
C LYS A 69 1.64 -7.01 -10.07
N TYR A 70 2.26 -8.15 -10.41
CA TYR A 70 3.07 -8.31 -11.64
C TYR A 70 2.48 -9.33 -12.61
N ILE A 71 2.10 -10.50 -12.09
CA ILE A 71 1.57 -11.59 -12.93
C ILE A 71 0.49 -12.33 -12.14
N THR A 72 -0.31 -13.16 -12.82
CA THR A 72 -1.33 -13.98 -12.15
C THR A 72 -0.70 -15.30 -11.71
N PRO A 73 -1.36 -16.02 -10.78
CA PRO A 73 -0.88 -17.37 -10.44
C PRO A 73 -0.85 -18.33 -11.63
N SER A 74 -1.76 -18.16 -12.59
N SER A 74 -1.76 -18.15 -12.60
CA SER A 74 -1.77 -18.99 -13.79
CA SER A 74 -1.79 -18.98 -13.80
C SER A 74 -0.52 -18.74 -14.65
C SER A 74 -0.62 -18.69 -14.74
N ASP A 75 -0.02 -17.51 -14.61
CA ASP A 75 1.14 -17.11 -15.41
C ASP A 75 2.45 -17.77 -14.97
N ILE A 76 2.51 -18.26 -13.73
CA ILE A 76 3.77 -18.87 -13.25
C ILE A 76 4.04 -20.16 -14.03
N ASP A 77 5.25 -20.30 -14.55
CA ASP A 77 5.62 -21.51 -15.30
C ASP A 77 6.42 -22.50 -14.46
N ALA A 78 7.19 -22.01 -13.50
CA ALA A 78 7.97 -22.87 -12.62
C ALA A 78 8.37 -22.11 -11.38
N VAL A 79 8.65 -22.85 -10.31
CA VAL A 79 9.18 -22.30 -9.05
C VAL A 79 10.45 -23.07 -8.72
N VAL A 80 11.45 -22.39 -8.18
CA VAL A 80 12.66 -23.05 -7.67
C VAL A 80 12.98 -22.50 -6.29
N LEU A 81 13.35 -23.39 -5.37
CA LEU A 81 13.50 -23.04 -3.96
C LEU A 81 14.91 -23.29 -3.43
N SER A 82 15.48 -22.30 -2.75
CA SER A 82 16.84 -22.43 -2.20
C SER A 82 16.90 -23.32 -0.97
N HIS A 83 15.89 -23.20 -0.12
CA HIS A 83 15.82 -23.95 1.14
C HIS A 83 14.42 -23.86 1.74
N TYR A 84 14.19 -24.62 2.80
CA TYR A 84 12.83 -24.80 3.33
C TYR A 84 12.53 -23.98 4.58
N HIS A 85 13.36 -22.99 4.88
CA HIS A 85 13.02 -22.05 5.93
C HIS A 85 11.69 -21.36 5.60
N HIS A 86 10.93 -21.04 6.64
CA HIS A 86 9.58 -20.49 6.45
C HIS A 86 9.56 -19.24 5.59
N ASP A 87 10.56 -18.38 5.75
CA ASP A 87 10.62 -17.15 4.97
C ASP A 87 10.96 -17.37 3.49
N HIS A 88 11.18 -18.62 3.08
CA HIS A 88 11.45 -18.90 1.65
C HIS A 88 10.39 -19.82 1.03
N VAL A 89 9.50 -20.38 1.85
CA VAL A 89 8.50 -21.32 1.32
C VAL A 89 7.08 -21.14 1.88
N ALA A 90 6.88 -20.13 2.72
CA ALA A 90 5.60 -19.98 3.42
C ALA A 90 4.37 -20.02 2.52
N ASP A 91 4.49 -19.47 1.31
CA ASP A 91 3.32 -19.39 0.42
C ASP A 91 3.18 -20.54 -0.58
N ILE A 92 3.99 -21.59 -0.46
CA ILE A 92 3.82 -22.73 -1.37
C ILE A 92 2.44 -23.36 -1.29
N GLY A 93 1.93 -23.52 -0.07
CA GLY A 93 0.61 -24.16 0.13
C GLY A 93 -0.51 -23.39 -0.52
N VAL A 94 -0.59 -22.09 -0.23
CA VAL A 94 -1.61 -21.28 -0.88
C VAL A 94 -1.41 -21.16 -2.39
N LEU A 95 -0.17 -21.23 -2.87
CA LEU A 95 0.06 -21.32 -4.31
C LEU A 95 -0.57 -22.60 -4.89
N GLN A 96 -0.39 -23.72 -4.19
CA GLN A 96 -1.01 -24.96 -4.63
C GLN A 96 -2.53 -24.78 -4.66
N TYR A 97 -3.09 -24.13 -3.62
CA TYR A 97 -4.55 -23.89 -3.62
C TYR A 97 -4.96 -22.96 -4.78
N ALA A 98 -4.13 -21.94 -5.06
CA ALA A 98 -4.43 -21.02 -6.15
C ALA A 98 -4.51 -21.78 -7.47
N ARG A 99 -3.57 -22.70 -7.70
CA ARG A 99 -3.60 -23.46 -8.97
C ARG A 99 -4.83 -24.35 -9.04
N LEU A 100 -5.14 -25.02 -7.94
CA LEU A 100 -6.30 -25.91 -7.88
C LEU A 100 -7.60 -25.14 -8.12
N ILE A 101 -7.76 -24.04 -7.41
CA ILE A 101 -9.02 -23.29 -7.47
C ILE A 101 -9.19 -22.66 -8.84
N THR A 102 -8.12 -22.08 -9.36
CA THR A 102 -8.15 -21.48 -10.70
C THR A 102 -8.47 -22.50 -11.77
N SER A 103 -7.86 -23.68 -11.68
CA SER A 103 -8.14 -24.75 -12.64
C SER A 103 -9.59 -25.12 -12.66
N ALA A 104 -10.19 -25.23 -11.48
CA ALA A 104 -11.57 -25.65 -11.33
C ALA A 104 -12.56 -24.61 -11.85
N THR A 105 -12.23 -23.34 -11.64
CA THR A 105 -13.22 -22.28 -11.83
C THR A 105 -13.01 -21.44 -13.08
N LYS A 106 -11.77 -21.42 -13.60
CA LYS A 106 -11.47 -20.61 -14.76
C LYS A 106 -10.99 -21.40 -15.98
N GLY A 107 -10.58 -22.65 -15.77
CA GLY A 107 -10.04 -23.46 -16.87
C GLY A 107 -8.78 -24.17 -16.42
N GLN A 108 -8.67 -25.44 -16.80
N GLN A 108 -8.66 -25.44 -16.78
CA GLN A 108 -7.58 -26.30 -16.35
CA GLN A 108 -7.59 -26.31 -16.28
C GLN A 108 -6.22 -25.68 -16.67
C GLN A 108 -6.19 -25.84 -16.68
N LEU A 109 -5.35 -25.65 -15.67
CA LEU A 109 -3.96 -25.24 -15.83
C LEU A 109 -3.03 -26.47 -15.97
N PRO A 110 -1.87 -26.30 -16.62
CA PRO A 110 -0.88 -27.37 -16.60
C PRO A 110 -0.26 -27.52 -15.22
N GLU A 111 0.26 -28.72 -14.95
CA GLU A 111 0.90 -29.04 -13.69
C GLU A 111 2.07 -28.09 -13.52
N LEU A 112 2.16 -27.47 -12.35
CA LEU A 112 3.24 -26.54 -12.05
C LEU A 112 4.44 -27.27 -11.42
N PRO A 113 5.60 -27.27 -12.10
CA PRO A 113 6.77 -27.89 -11.47
C PRO A 113 7.39 -26.97 -10.43
N ILE A 114 7.72 -27.55 -9.28
CA ILE A 114 8.37 -26.81 -8.21
C ILE A 114 9.64 -27.55 -7.88
N TYR A 115 10.76 -26.91 -8.15
CA TYR A 115 12.08 -27.52 -8.02
C TYR A 115 12.67 -27.27 -6.64
N GLY A 116 13.07 -28.34 -5.96
CA GLY A 116 13.64 -28.20 -4.64
C GLY A 116 14.70 -29.27 -4.38
N HIS A 117 15.44 -29.11 -3.29
CA HIS A 117 16.44 -30.12 -2.90
C HIS A 117 15.79 -31.21 -2.05
N THR A 118 16.42 -32.38 -2.00
CA THR A 118 15.82 -33.53 -1.33
C THR A 118 16.50 -33.88 -0.02
N PHE A 119 17.27 -32.94 0.52
CA PHE A 119 17.96 -33.15 1.80
C PHE A 119 17.00 -32.98 3.00
N ASP A 120 15.86 -32.31 2.77
CA ASP A 120 14.76 -32.24 3.73
C ASP A 120 13.59 -32.95 3.03
N GLU A 121 13.41 -34.23 3.33
CA GLU A 121 12.40 -35.05 2.65
C GLU A 121 10.97 -34.55 2.88
N ASN A 122 10.65 -34.16 4.11
CA ASN A 122 9.34 -33.63 4.43
C ASN A 122 9.07 -32.34 3.65
N GLY A 123 10.07 -31.46 3.60
CA GLY A 123 9.96 -30.21 2.84
C GLY A 123 9.73 -30.52 1.37
N PHE A 124 10.54 -31.40 0.81
CA PHE A 124 10.39 -31.74 -0.59
C PHE A 124 9.03 -32.37 -0.90
N HIS A 125 8.58 -33.29 -0.04
N HIS A 125 8.58 -33.29 -0.04
CA HIS A 125 7.27 -33.94 -0.22
CA HIS A 125 7.27 -33.95 -0.23
C HIS A 125 6.14 -32.92 -0.30
C HIS A 125 6.13 -32.94 -0.27
N SER A 126 6.25 -31.87 0.51
CA SER A 126 5.23 -30.81 0.60
C SER A 126 5.01 -30.06 -0.72
N LEU A 127 5.97 -30.16 -1.63
CA LEU A 127 5.90 -29.44 -2.92
C LEU A 127 4.90 -30.04 -3.91
N THR A 128 4.53 -31.30 -3.68
CA THR A 128 3.61 -31.99 -4.58
C THR A 128 2.18 -31.91 -4.06
N HIS A 129 1.30 -31.39 -4.90
CA HIS A 129 -0.14 -31.49 -4.66
C HIS A 129 -0.75 -31.92 -5.98
N GLU A 130 -0.85 -33.23 -6.18
CA GLU A 130 -1.25 -33.77 -7.48
C GLU A 130 -2.73 -33.46 -7.73
N PRO A 131 -3.08 -33.09 -8.97
CA PRO A 131 -2.27 -32.89 -10.17
C PRO A 131 -1.85 -31.44 -10.44
N HIS A 132 -1.94 -30.58 -9.44
CA HIS A 132 -1.72 -29.15 -9.62
C HIS A 132 -0.29 -28.70 -9.57
N THR A 133 0.51 -29.29 -8.67
CA THR A 133 1.92 -29.00 -8.59
C THR A 133 2.68 -30.30 -8.38
N LYS A 134 3.93 -30.30 -8.83
CA LYS A 134 4.78 -31.48 -8.72
C LYS A 134 6.18 -31.07 -8.29
N GLY A 135 6.63 -31.64 -7.18
CA GLY A 135 7.99 -31.47 -6.74
C GLY A 135 8.93 -32.17 -7.71
N ILE A 136 9.93 -31.45 -8.18
N ILE A 136 9.92 -31.43 -8.20
CA ILE A 136 10.97 -32.04 -9.01
CA ILE A 136 10.98 -31.96 -9.05
C ILE A 136 12.31 -31.79 -8.33
C ILE A 136 12.29 -31.78 -8.28
N PRO A 137 13.07 -32.86 -8.09
CA PRO A 137 14.32 -32.69 -7.36
C PRO A 137 15.33 -31.96 -8.23
N TYR A 138 16.16 -31.12 -7.61
CA TYR A 138 17.38 -30.70 -8.29
C TYR A 138 18.59 -31.34 -7.63
N ASN A 139 19.64 -31.52 -8.44
CA ASN A 139 20.86 -32.16 -8.03
C ASN A 139 21.91 -31.04 -7.99
N PRO A 140 22.35 -30.66 -6.79
CA PRO A 140 23.24 -29.51 -6.69
C PRO A 140 24.60 -29.69 -7.38
N GLU A 141 24.92 -30.92 -7.76
CA GLU A 141 26.19 -31.20 -8.43
C GLU A 141 26.07 -31.14 -9.96
N GLU A 142 24.86 -30.83 -10.44
CA GLU A 142 24.58 -30.74 -11.86
C GLU A 142 23.93 -29.43 -12.26
N THR A 143 23.83 -29.21 -13.56
CA THR A 143 23.20 -28.01 -14.09
C THR A 143 21.76 -28.33 -14.47
N LEU A 144 20.84 -27.55 -13.91
CA LEU A 144 19.42 -27.71 -14.13
C LEU A 144 18.93 -26.78 -15.24
N GLN A 145 18.10 -27.29 -16.14
CA GLN A 145 17.46 -26.45 -17.15
C GLN A 145 15.99 -26.28 -16.81
N ILE A 146 15.54 -25.03 -16.68
CA ILE A 146 14.13 -24.73 -16.44
C ILE A 146 13.72 -23.73 -17.51
N GLY A 147 13.01 -24.21 -18.53
CA GLY A 147 12.69 -23.37 -19.68
C GLY A 147 13.97 -22.81 -20.28
N PRO A 148 14.05 -21.47 -20.44
CA PRO A 148 15.23 -20.82 -21.02
C PRO A 148 16.38 -20.65 -20.02
N PHE A 149 16.14 -21.00 -18.75
CA PHE A 149 17.12 -20.77 -17.70
C PHE A 149 17.97 -22.00 -17.41
N SER A 150 19.28 -21.79 -17.32
CA SER A 150 20.22 -22.83 -16.87
C SER A 150 20.68 -22.44 -15.49
N ILE A 151 20.61 -23.36 -14.53
CA ILE A 151 20.91 -23.05 -13.16
C ILE A 151 21.93 -24.01 -12.61
N SER A 152 22.99 -23.47 -12.02
CA SER A 152 23.92 -24.30 -11.23
C SER A 152 23.86 -23.84 -9.77
N PHE A 153 24.43 -24.65 -8.88
CA PHE A 153 24.20 -24.50 -7.44
C PHE A 153 25.50 -24.50 -6.65
N LEU A 154 25.46 -23.77 -5.53
CA LEU A 154 26.53 -23.76 -4.53
C LEU A 154 25.92 -24.00 -3.14
N LYS A 155 26.41 -25.01 -2.44
CA LYS A 155 25.95 -25.28 -1.09
C LYS A 155 26.42 -24.18 -0.13
N THR A 156 25.47 -23.54 0.56
CA THR A 156 25.84 -22.44 1.46
C THR A 156 26.05 -22.94 2.89
N VAL A 157 26.48 -22.05 3.78
CA VAL A 157 26.62 -22.37 5.21
C VAL A 157 25.51 -21.65 5.94
N HIS A 158 24.58 -22.41 6.50
CA HIS A 158 23.31 -21.88 7.02
C HIS A 158 22.72 -22.97 7.91
N PRO A 159 21.89 -22.60 8.90
CA PRO A 159 21.39 -23.62 9.85
C PRO A 159 20.61 -24.81 9.26
N VAL A 160 20.10 -24.67 8.04
CA VAL A 160 19.52 -25.81 7.31
C VAL A 160 20.16 -25.86 5.92
N THR A 161 20.07 -27.00 5.26
CA THR A 161 20.62 -27.16 3.90
C THR A 161 20.07 -26.09 2.97
N CYS A 162 20.96 -25.45 2.22
CA CYS A 162 20.57 -24.33 1.39
C CYS A 162 21.51 -24.24 0.19
N PHE A 163 20.97 -23.80 -0.94
CA PHE A 163 21.75 -23.64 -2.15
C PHE A 163 21.59 -22.27 -2.78
N ALA A 164 22.74 -21.63 -3.00
CA ALA A 164 22.81 -20.45 -3.87
C ALA A 164 22.69 -20.89 -5.33
N ARG A 166 23.23 -19.90 -9.63
CA ARG A 166 23.82 -19.10 -10.72
C ARG A 166 22.90 -19.35 -11.91
N ILE A 167 22.12 -18.32 -12.25
CA ILE A 167 21.05 -18.45 -13.22
C ILE A 167 21.49 -17.79 -14.52
N THR A 168 21.43 -18.54 -15.61
CA THR A 168 21.89 -18.01 -16.90
C THR A 168 20.86 -18.18 -17.99
N ALA A 169 20.90 -17.28 -18.97
CA ALA A 169 20.16 -17.41 -20.20
C ALA A 169 21.02 -16.73 -21.25
N GLY A 170 21.39 -17.48 -22.29
CA GLY A 170 22.40 -17.01 -23.21
C GLY A 170 23.64 -16.67 -22.39
N ASN A 171 24.14 -15.46 -22.58
CA ASN A 171 25.36 -15.05 -21.92
C ASN A 171 25.12 -14.32 -20.60
N ASP A 172 23.85 -14.17 -20.22
CA ASP A 172 23.50 -13.47 -18.98
C ASP A 172 23.89 -14.31 -17.76
N ILE A 173 24.33 -13.64 -16.70
CA ILE A 173 24.63 -14.30 -15.42
C ILE A 173 24.03 -13.54 -14.27
N VAL A 174 23.08 -14.17 -13.57
CA VAL A 174 22.56 -13.64 -12.32
C VAL A 174 22.88 -14.66 -11.21
N VAL A 175 23.50 -14.19 -10.13
CA VAL A 175 23.74 -15.04 -8.98
C VAL A 175 22.87 -14.63 -7.80
N TYR A 176 22.19 -15.61 -7.22
CA TYR A 176 21.38 -15.42 -6.02
C TYR A 176 22.06 -16.15 -4.87
N SER A 177 22.42 -15.42 -3.82
CA SER A 177 23.19 -16.01 -2.71
C SER A 177 22.35 -16.98 -1.87
N ALA A 178 21.02 -16.89 -1.98
CA ALA A 178 20.15 -17.47 -0.94
C ALA A 178 20.70 -16.98 0.42
N ASP A 179 20.74 -17.83 1.44
CA ASP A 179 21.21 -17.40 2.75
C ASP A 179 22.53 -18.11 3.05
N SER A 180 23.50 -17.38 3.59
CA SER A 180 24.80 -17.99 3.92
C SER A 180 25.63 -17.10 4.82
N SER A 181 26.52 -17.71 5.60
CA SER A 181 27.65 -16.97 6.14
C SER A 181 28.73 -16.92 5.05
N TYR A 182 29.72 -16.06 5.24
CA TYR A 182 30.74 -15.89 4.22
C TYR A 182 31.56 -17.17 4.00
N ILE A 183 31.73 -17.53 2.73
CA ILE A 183 32.63 -18.62 2.34
C ILE A 183 33.38 -18.21 1.07
N PRO A 184 34.68 -18.53 0.99
CA PRO A 184 35.44 -18.07 -0.17
C PRO A 184 34.97 -18.66 -1.50
N GLU A 185 34.26 -19.79 -1.45
CA GLU A 185 33.73 -20.44 -2.64
C GLU A 185 32.76 -19.55 -3.41
N PHE A 186 32.25 -18.52 -2.73
CA PHE A 186 31.38 -17.55 -3.40
C PHE A 186 32.07 -16.80 -4.52
N ILE A 187 33.39 -16.62 -4.41
CA ILE A 187 34.14 -15.80 -5.37
C ILE A 187 34.16 -16.41 -6.78
N PRO A 188 34.67 -17.64 -6.94
CA PRO A 188 34.60 -18.28 -8.26
C PRO A 188 33.15 -18.49 -8.75
N PHE A 189 32.23 -18.76 -7.83
CA PHE A 189 30.85 -19.06 -8.20
C PHE A 189 30.19 -17.82 -8.81
N THR A 190 30.51 -16.67 -8.23
CA THR A 190 29.88 -15.39 -8.57
C THR A 190 30.65 -14.62 -9.66
N LYS A 191 31.77 -15.20 -10.11
CA LYS A 191 32.64 -14.56 -11.10
C LYS A 191 31.88 -13.93 -12.28
N ASP A 192 32.09 -12.62 -12.45
CA ASP A 192 31.61 -11.84 -13.59
C ASP A 192 30.07 -11.76 -13.70
N ALA A 193 29.37 -12.00 -12.58
CA ALA A 193 27.90 -11.92 -12.61
C ALA A 193 27.45 -10.54 -13.02
N ASP A 194 26.42 -10.50 -13.86
CA ASP A 194 25.79 -9.23 -14.24
C ASP A 194 24.99 -8.65 -13.08
N LEU A 195 24.37 -9.53 -12.31
CA LEU A 195 23.66 -9.14 -11.10
C LEU A 195 23.94 -10.15 -10.00
N PHE A 196 24.32 -9.66 -8.83
CA PHE A 196 24.51 -10.51 -7.65
C PHE A 196 23.45 -10.07 -6.65
N ILE A 197 22.45 -10.93 -6.45
CA ILE A 197 21.39 -10.72 -5.47
C ILE A 197 21.87 -11.38 -4.21
N CYS A 198 22.32 -10.59 -3.25
CA CYS A 198 23.00 -11.13 -2.08
C CYS A 198 22.32 -10.76 -0.78
N GLU A 199 22.09 -11.76 0.07
CA GLU A 199 21.58 -11.50 1.41
C GLU A 199 22.53 -10.59 2.17
N CYS A 200 21.98 -9.67 2.92
CA CYS A 200 22.79 -8.78 3.73
C CYS A 200 22.02 -8.53 5.01
N ASN A 201 21.98 -9.54 5.87
CA ASN A 201 21.16 -9.47 7.08
C ASN A 201 21.76 -8.63 8.20
N TYR A 203 24.46 -5.41 9.60
CA TYR A 203 25.25 -4.21 9.38
C TYR A 203 26.73 -4.49 9.63
N ALA A 204 27.60 -3.59 9.17
CA ALA A 204 29.06 -3.74 9.25
C ALA A 204 29.56 -4.01 10.69
N HIS A 205 28.92 -3.40 11.67
CA HIS A 205 29.35 -3.55 13.07
C HIS A 205 28.89 -4.85 13.73
N GLN A 206 28.19 -5.70 12.98
CA GLN A 206 27.57 -6.88 13.55
C GLN A 206 28.20 -8.18 13.04
N GLU A 207 28.44 -9.11 13.97
CA GLU A 207 28.88 -10.46 13.60
C GLU A 207 27.73 -11.22 12.96
N ALA A 208 28.00 -11.84 11.81
CA ALA A 208 26.95 -12.49 11.02
C ALA A 208 27.11 -14.00 10.85
N ALA A 209 28.35 -14.48 10.91
CA ALA A 209 28.66 -15.86 10.56
C ALA A 209 27.98 -16.88 11.48
N LYS A 210 28.00 -16.62 12.78
CA LYS A 210 27.32 -17.49 13.74
C LYS A 210 25.86 -17.80 13.39
N ALA A 211 25.20 -16.83 12.75
CA ALA A 211 23.78 -16.92 12.42
C ALA A 211 23.52 -17.48 11.00
N GLY A 212 24.57 -17.78 10.25
CA GLY A 212 24.38 -18.23 8.89
C GLY A 212 24.01 -17.11 7.92
N HIS A 213 24.51 -15.91 8.21
CA HIS A 213 24.25 -14.71 7.39
C HIS A 213 25.54 -13.96 7.11
N ASN A 215 27.34 -9.85 6.69
CA ASN A 215 27.25 -8.40 6.85
C ASN A 215 27.66 -7.64 5.58
N SER A 216 27.43 -6.33 5.57
CA SER A 216 27.69 -5.52 4.37
C SER A 216 29.15 -5.57 3.92
N THR A 217 30.07 -5.68 4.87
CA THR A 217 31.51 -5.77 4.59
C THR A 217 31.81 -7.02 3.79
N GLU A 218 31.26 -8.14 4.24
CA GLU A 218 31.49 -9.44 3.63
C GLU A 218 30.89 -9.50 2.25
N VAL A 219 29.65 -9.03 2.14
CA VAL A 219 28.95 -9.01 0.86
C VAL A 219 29.72 -8.16 -0.15
N ALA A 220 30.13 -6.97 0.25
CA ALA A 220 30.86 -6.08 -0.64
C ALA A 220 32.18 -6.71 -1.10
N SER A 221 32.82 -7.47 -0.22
N SER A 221 32.82 -7.47 -0.23
CA SER A 221 34.08 -8.15 -0.55
CA SER A 221 34.09 -8.14 -0.56
C SER A 221 33.89 -9.14 -1.70
C SER A 221 33.93 -9.21 -1.64
N ILE A 222 32.79 -9.90 -1.65
CA ILE A 222 32.49 -10.86 -2.70
C ILE A 222 32.23 -10.11 -4.02
N ALA A 223 31.43 -9.05 -3.96
CA ALA A 223 31.13 -8.28 -5.14
C ALA A 223 32.40 -7.77 -5.82
N LYS A 224 33.32 -7.25 -5.00
CA LYS A 224 34.61 -6.75 -5.50
C LYS A 224 35.47 -7.87 -6.10
N ASP A 225 35.69 -8.94 -5.34
CA ASP A 225 36.56 -10.04 -5.78
C ASP A 225 36.04 -10.78 -7.01
N ALA A 226 34.73 -10.90 -7.13
CA ALA A 226 34.11 -11.61 -8.23
C ALA A 226 33.84 -10.69 -9.42
N ASN A 227 34.15 -9.41 -9.26
CA ASN A 227 33.93 -8.42 -10.32
C ASN A 227 32.50 -8.43 -10.85
N VAL A 228 31.54 -8.32 -9.93
CA VAL A 228 30.14 -8.27 -10.35
C VAL A 228 29.80 -6.87 -10.88
N LYS A 229 28.86 -6.83 -11.82
CA LYS A 229 28.44 -5.57 -12.40
C LYS A 229 27.53 -4.78 -11.49
N GLU A 230 26.53 -5.44 -10.89
CA GLU A 230 25.61 -4.79 -9.97
C GLU A 230 25.38 -5.69 -8.78
N LEU A 231 25.37 -5.07 -7.60
CA LEU A 231 25.08 -5.76 -6.36
C LEU A 231 23.72 -5.30 -5.82
N LEU A 232 22.83 -6.26 -5.59
CA LEU A 232 21.52 -6.02 -4.99
C LEU A 232 21.50 -6.60 -3.57
N LEU A 233 21.42 -5.73 -2.57
CA LEU A 233 21.38 -6.11 -1.16
C LEU A 233 19.96 -6.50 -0.77
N THR A 234 19.80 -7.71 -0.26
CA THR A 234 18.47 -8.20 0.06
C THR A 234 18.42 -8.97 1.40
N HIS A 235 17.28 -9.60 1.68
CA HIS A 235 17.08 -10.36 2.94
C HIS A 235 17.35 -9.45 4.12
N LEU A 236 16.71 -8.28 4.08
CA LEU A 236 17.05 -7.14 4.94
C LEU A 236 16.60 -7.31 6.39
N PRO A 237 17.34 -6.69 7.33
CA PRO A 237 17.03 -6.72 8.77
C PRO A 237 15.93 -5.75 9.17
N HIS A 238 15.49 -5.88 10.42
CA HIS A 238 14.35 -5.17 10.93
C HIS A 238 14.72 -4.14 12.00
N THR A 239 16.02 -3.88 12.13
CA THR A 239 16.52 -2.79 12.97
C THR A 239 17.28 -1.82 12.08
N GLY A 240 17.45 -0.59 12.56
CA GLY A 240 18.26 0.41 11.87
C GLY A 240 17.63 0.94 10.59
N ASN A 241 18.46 1.62 9.81
CA ASN A 241 18.07 2.15 8.51
C ASN A 241 18.81 1.33 7.45
N PRO A 242 18.11 0.40 6.77
CA PRO A 242 18.81 -0.46 5.81
C PRO A 242 19.60 0.28 4.72
N ALA A 243 19.25 1.52 4.41
CA ALA A 243 20.05 2.31 3.44
C ALA A 243 21.52 2.42 3.86
N ASP A 244 21.77 2.31 5.17
CA ASP A 244 23.14 2.34 5.71
C ASP A 244 23.97 1.17 5.20
N LEU A 245 23.31 0.04 4.91
CA LEU A 245 24.02 -1.09 4.29
C LEU A 245 24.69 -0.72 2.96
N VAL A 246 24.01 0.14 2.18
CA VAL A 246 24.55 0.59 0.91
C VAL A 246 25.80 1.46 1.16
N THR A 247 25.70 2.37 2.12
CA THR A 247 26.82 3.24 2.47
C THR A 247 28.03 2.43 2.93
N GLU A 248 27.78 1.40 3.73
CA GLU A 248 28.85 0.55 4.23
C GLU A 248 29.47 -0.22 3.07
N ALA A 249 28.64 -0.81 2.21
CA ALA A 249 29.15 -1.61 1.11
C ALA A 249 29.97 -0.79 0.10
N LYS A 250 29.56 0.47 -0.09
CA LYS A 250 30.21 1.37 -1.06
C LYS A 250 31.65 1.68 -0.69
N GLN A 251 31.99 1.56 0.59
CA GLN A 251 33.36 1.80 1.04
C GLN A 251 34.33 0.77 0.43
N ILE A 252 33.79 -0.38 0.03
CA ILE A 252 34.58 -1.53 -0.41
C ILE A 252 34.38 -1.84 -1.90
N PHE A 253 33.11 -1.83 -2.35
CA PHE A 253 32.78 -2.19 -3.72
C PHE A 253 32.40 -0.93 -4.48
N SER A 254 33.02 -0.73 -5.64
N SER A 254 33.01 -0.73 -5.64
CA SER A 254 32.85 0.52 -6.41
CA SER A 254 32.86 0.51 -6.43
C SER A 254 31.79 0.43 -7.50
C SER A 254 31.94 0.37 -7.65
N GLY A 255 31.26 -0.77 -7.75
CA GLY A 255 30.23 -0.97 -8.78
C GLY A 255 28.87 -0.47 -8.31
N HIS A 256 27.84 -0.69 -9.11
CA HIS A 256 26.48 -0.27 -8.75
C HIS A 256 25.92 -1.12 -7.61
N ILE A 257 25.34 -0.42 -6.62
CA ILE A 257 24.73 -1.07 -5.45
C ILE A 257 23.28 -0.59 -5.31
N THR A 258 22.37 -1.55 -5.24
CA THR A 258 20.94 -1.28 -5.09
C THR A 258 20.48 -1.94 -3.80
N LEU A 259 19.63 -1.24 -3.06
CA LEU A 259 18.92 -1.82 -1.91
C LEU A 259 17.59 -2.39 -2.40
N ALA A 260 17.35 -3.67 -2.13
CA ALA A 260 16.11 -4.31 -2.55
C ALA A 260 14.91 -3.57 -1.97
N HIS A 261 13.89 -3.46 -2.80
CA HIS A 261 12.60 -2.89 -2.45
C HIS A 261 11.53 -3.52 -3.33
N SER A 262 10.27 -3.44 -2.90
CA SER A 262 9.18 -4.06 -3.68
C SER A 262 9.14 -3.50 -5.11
N GLY A 263 9.14 -4.40 -6.08
CA GLY A 263 8.99 -3.99 -7.48
C GLY A 263 10.24 -3.46 -8.15
N TYR A 264 11.40 -3.54 -7.50
CA TYR A 264 12.64 -3.23 -8.20
C TYR A 264 12.77 -4.12 -9.41
N VAL A 265 12.99 -3.52 -10.58
CA VAL A 265 13.18 -4.27 -11.84
C VAL A 265 14.61 -4.14 -12.34
N TRP A 266 15.23 -5.27 -12.66
CA TRP A 266 16.53 -5.29 -13.31
C TRP A 266 16.37 -5.97 -14.67
N ASN A 267 16.95 -5.36 -15.71
CA ASN A 267 16.93 -5.93 -17.05
C ASN A 267 18.34 -6.29 -17.45
N SER A 268 18.55 -7.52 -17.94
CA SER A 268 19.87 -7.95 -18.36
C SER A 268 20.26 -7.30 -19.67
N ASN B 17 32.11 5.57 18.66
CA ASN B 17 31.87 6.70 19.62
C ASN B 17 30.38 6.96 19.79
N LEU B 18 29.92 6.92 21.05
CA LEU B 18 28.49 7.03 21.36
C LEU B 18 27.88 8.40 21.04
N TYR B 19 28.73 9.40 20.84
CA TYR B 19 28.27 10.76 20.56
C TYR B 19 28.31 11.11 19.08
N PHE B 20 28.64 10.13 18.24
CA PHE B 20 28.59 10.30 16.79
C PHE B 20 27.17 10.63 16.33
N GLN B 21 27.05 11.62 15.44
CA GLN B 21 25.79 11.90 14.75
C GLN B 21 26.05 11.97 13.25
N SER B 22 25.00 11.80 12.45
CA SER B 22 25.15 11.78 10.98
C SER B 22 24.73 13.11 10.34
N ALA B 24 26.39 14.42 7.38
CA ALA B 24 26.39 14.50 5.92
C ALA B 24 24.99 14.65 5.32
N LYS B 26 21.69 13.97 3.26
CA LYS B 26 20.86 12.83 2.89
C LYS B 26 19.73 13.36 2.01
N THR B 28 16.04 11.97 0.41
CA THR B 28 15.02 10.94 0.28
C THR B 28 13.99 11.33 -0.78
N VAL B 29 13.74 10.43 -1.74
CA VAL B 29 12.69 10.63 -2.72
C VAL B 29 11.33 10.45 -2.05
N VAL B 30 10.53 11.51 -2.06
CA VAL B 30 9.18 11.46 -1.52
C VAL B 30 8.19 11.14 -2.64
N GLY B 31 8.27 11.88 -3.74
CA GLY B 31 7.51 11.57 -4.93
C GLY B 31 8.31 11.83 -6.20
N PHE B 32 7.91 11.19 -7.29
CA PHE B 32 8.79 11.13 -8.46
C PHE B 32 8.04 10.97 -9.81
N TRP B 33 6.72 10.79 -9.77
CA TRP B 33 5.94 10.63 -11.01
C TRP B 33 5.80 11.93 -11.74
N GLY B 34 5.89 11.90 -13.06
CA GLY B 34 5.62 13.11 -13.83
C GLY B 34 4.13 13.34 -14.00
N GLY B 35 3.69 14.58 -13.83
CA GLY B 35 2.33 14.96 -14.20
C GLY B 35 1.24 14.61 -13.20
N PHE B 36 1.17 13.33 -12.84
CA PHE B 36 0.21 12.83 -11.87
C PHE B 36 0.76 11.55 -11.24
N PRO B 37 0.31 11.20 -10.02
CA PRO B 37 0.87 10.03 -9.35
C PRO B 37 0.20 8.74 -9.77
N GLU B 38 0.98 7.66 -9.74
N GLU B 38 0.95 7.64 -9.74
CA GLU B 38 0.42 6.31 -9.80
CA GLU B 38 0.33 6.34 -9.82
C GLU B 38 -0.13 5.90 -8.42
C GLU B 38 -0.04 5.84 -8.42
N ALA B 39 -0.77 4.74 -8.37
CA ALA B 39 -1.41 4.27 -7.12
C ALA B 39 -0.50 4.30 -5.92
N GLY B 40 -0.94 4.96 -4.85
CA GLY B 40 -0.23 4.98 -3.58
C GLY B 40 1.09 5.73 -3.56
N GLU B 41 1.30 6.59 -4.55
CA GLU B 41 2.59 7.27 -4.67
C GLU B 41 2.40 8.76 -4.88
N ALA B 42 3.43 9.46 -5.34
CA ALA B 42 3.37 10.93 -5.37
C ALA B 42 4.11 11.49 -6.58
N THR B 43 3.78 12.72 -6.96
CA THR B 43 4.58 13.46 -7.95
C THR B 43 5.73 14.19 -7.23
N SER B 44 6.44 15.08 -7.93
CA SER B 44 7.72 15.63 -7.47
C SER B 44 7.77 16.12 -6.03
N GLY B 45 8.71 15.56 -5.26
CA GLY B 45 8.98 15.98 -3.88
C GLY B 45 10.24 15.28 -3.41
N TYR B 46 11.24 16.04 -2.96
CA TYR B 46 12.53 15.46 -2.56
C TYR B 46 12.94 16.07 -1.24
N LEU B 47 13.21 15.24 -0.23
CA LEU B 47 13.53 15.73 1.11
C LEU B 47 15.04 15.73 1.30
N PHE B 48 15.61 16.90 1.57
CA PHE B 48 17.03 17.05 1.81
C PHE B 48 17.23 17.31 3.30
N GLU B 49 18.19 16.60 3.93
CA GLU B 49 18.48 16.81 5.35
C GLU B 49 19.97 16.97 5.57
N HIS B 50 20.34 17.95 6.37
CA HIS B 50 21.74 18.16 6.75
C HIS B 50 21.76 18.91 8.06
N ASP B 51 22.51 18.43 9.05
CA ASP B 51 22.61 19.14 10.35
C ASP B 51 21.24 19.34 11.02
N GLY B 52 20.29 18.42 10.81
CA GLY B 52 18.95 18.57 11.37
C GLY B 52 18.05 19.57 10.67
N PHE B 53 18.51 20.11 9.54
CA PHE B 53 17.70 21.01 8.75
C PHE B 53 17.00 20.22 7.65
N ARG B 54 15.67 20.31 7.61
CA ARG B 54 14.86 19.58 6.65
C ARG B 54 14.33 20.53 5.59
N LEU B 55 14.82 20.34 4.36
CA LEU B 55 14.45 21.17 3.21
C LEU B 55 13.66 20.30 2.22
N LEU B 56 12.43 20.69 1.94
CA LEU B 56 11.63 19.97 0.94
C LEU B 56 11.71 20.70 -0.39
N VAL B 57 12.13 19.98 -1.43
CA VAL B 57 12.29 20.51 -2.79
C VAL B 57 11.11 19.99 -3.60
N ASP B 58 10.24 20.93 -3.96
CA ASP B 58 8.95 20.66 -4.61
C ASP B 58 7.94 19.96 -3.70
N CYS B 59 6.66 20.13 -4.01
CA CYS B 59 5.60 19.73 -3.11
C CYS B 59 4.36 19.33 -3.89
N GLY B 60 4.52 18.28 -4.68
CA GLY B 60 3.47 17.85 -5.60
C GLY B 60 2.34 17.04 -4.96
N SER B 61 1.60 16.37 -5.83
CA SER B 61 0.43 15.60 -5.41
C SER B 61 0.83 14.32 -4.68
N GLY B 62 0.23 14.11 -3.51
CA GLY B 62 0.54 12.95 -2.67
C GLY B 62 1.79 13.13 -1.83
N VAL B 63 2.47 14.27 -1.98
CA VAL B 63 3.75 14.47 -1.29
C VAL B 63 3.59 14.62 0.22
N LEU B 64 2.57 15.35 0.67
CA LEU B 64 2.39 15.50 2.11
C LEU B 64 2.09 14.13 2.74
N ALA B 65 1.26 13.32 2.08
CA ALA B 65 0.99 11.97 2.57
C ALA B 65 2.26 11.09 2.62
N GLN B 66 3.04 11.12 1.56
CA GLN B 66 4.27 10.31 1.51
C GLN B 66 5.35 10.82 2.45
N LEU B 67 5.44 12.13 2.63
CA LEU B 67 6.50 12.71 3.44
C LEU B 67 6.48 12.18 4.86
N GLN B 68 5.29 11.93 5.36
CA GLN B 68 5.13 11.53 6.75
C GLN B 68 5.52 10.08 7.02
N LYS B 69 5.95 9.35 5.98
CA LYS B 69 6.72 8.12 6.19
C LYS B 69 8.13 8.40 6.77
N TYR B 70 8.63 9.63 6.62
CA TYR B 70 10.02 10.00 6.93
C TYR B 70 10.13 11.03 8.04
N ILE B 71 9.31 12.08 7.96
CA ILE B 71 9.30 13.14 8.97
C ILE B 71 7.87 13.65 9.18
N THR B 72 7.64 14.41 10.24
CA THR B 72 6.33 15.03 10.44
C THR B 72 6.29 16.39 9.73
N PRO B 73 5.08 16.92 9.46
CA PRO B 73 4.97 18.28 8.90
C PRO B 73 5.61 19.36 9.77
N SER B 74 5.67 19.14 11.09
CA SER B 74 6.34 20.06 12.01
C SER B 74 7.83 20.14 11.79
N ASP B 75 8.39 19.03 11.31
CA ASP B 75 9.84 18.93 11.11
C ASP B 75 10.35 19.67 9.86
N ILE B 76 9.46 20.04 8.94
CA ILE B 76 9.90 20.77 7.75
C ILE B 76 10.42 22.15 8.18
N ASP B 77 11.63 22.50 7.74
CA ASP B 77 12.22 23.80 8.06
C ASP B 77 12.06 24.82 6.94
N ALA B 78 12.00 24.35 5.69
CA ALA B 78 11.79 25.22 4.53
C ALA B 78 11.37 24.36 3.37
N VAL B 79 10.69 24.98 2.41
CA VAL B 79 10.28 24.39 1.15
C VAL B 79 10.87 25.28 0.05
N VAL B 80 11.33 24.69 -1.04
CA VAL B 80 11.74 25.49 -2.20
C VAL B 80 11.10 24.89 -3.44
N LEU B 81 10.58 25.73 -4.33
CA LEU B 81 9.77 25.28 -5.46
C LEU B 81 10.41 25.63 -6.78
N SER B 82 10.50 24.65 -7.68
CA SER B 82 11.08 24.88 -9.02
C SER B 82 10.15 25.67 -9.94
N HIS B 83 8.86 25.34 -9.89
CA HIS B 83 7.85 25.99 -10.70
C HIS B 83 6.48 25.63 -10.17
N TYR B 84 5.45 26.20 -10.77
CA TYR B 84 4.09 26.14 -10.21
C TYR B 84 3.12 25.23 -10.96
N HIS B 85 3.64 24.38 -11.83
CA HIS B 85 2.83 23.28 -12.36
C HIS B 85 2.22 22.45 -11.22
N HIS B 86 1.00 21.95 -11.42
CA HIS B 86 0.26 21.24 -10.38
C HIS B 86 1.06 20.11 -9.78
N ASP B 87 1.85 19.40 -10.59
CA ASP B 87 2.62 18.25 -10.11
C ASP B 87 3.80 18.64 -9.22
N HIS B 88 4.04 19.93 -9.07
CA HIS B 88 5.11 20.41 -8.23
C HIS B 88 4.63 21.24 -7.05
N VAL B 89 3.33 21.58 -7.02
CA VAL B 89 2.79 22.41 -5.93
C VAL B 89 1.44 22.00 -5.34
N ALA B 90 0.91 20.87 -5.80
CA ALA B 90 -0.45 20.47 -5.43
C ALA B 90 -0.70 20.44 -3.92
N ASP B 91 0.31 20.07 -3.14
CA ASP B 91 0.11 19.91 -1.69
C ASP B 91 0.49 21.10 -0.83
N ILE B 92 0.81 22.22 -1.46
CA ILE B 92 1.14 23.39 -0.65
C ILE B 92 -0.01 23.83 0.27
N GLY B 93 -1.24 23.82 -0.25
CA GLY B 93 -2.39 24.28 0.55
C GLY B 93 -2.64 23.40 1.77
N VAL B 94 -2.65 22.09 1.58
CA VAL B 94 -2.83 21.20 2.74
C VAL B 94 -1.63 21.23 3.69
N LEU B 95 -0.44 21.52 3.17
CA LEU B 95 0.70 21.77 4.07
C LEU B 95 0.44 23.01 4.94
N GLN B 96 -0.07 24.07 4.34
CA GLN B 96 -0.44 25.25 5.13
C GLN B 96 -1.46 24.86 6.21
N TYR B 97 -2.44 24.04 5.87
CA TYR B 97 -3.41 23.59 6.86
C TYR B 97 -2.74 22.72 7.92
N ALA B 98 -1.79 21.86 7.53
CA ALA B 98 -1.13 21.00 8.49
C ALA B 98 -0.40 21.85 9.54
N ARG B 99 0.23 22.92 9.09
CA ARG B 99 0.97 23.78 10.02
C ARG B 99 0.01 24.52 10.95
N LEU B 100 -1.08 25.04 10.39
CA LEU B 100 -2.12 25.72 11.19
C LEU B 100 -2.70 24.77 12.25
N ILE B 101 -3.12 23.58 11.81
CA ILE B 101 -3.81 22.64 12.70
C ILE B 101 -2.87 22.19 13.81
N THR B 102 -1.64 21.84 13.43
CA THR B 102 -0.65 21.39 14.41
C THR B 102 -0.32 22.48 15.43
N SER B 103 -0.14 23.73 14.98
CA SER B 103 0.09 24.85 15.88
C SER B 103 -1.02 25.03 16.91
N ALA B 104 -2.27 24.85 16.48
CA ALA B 104 -3.43 25.12 17.33
C ALA B 104 -3.69 24.01 18.33
N THR B 105 -3.27 22.80 18.00
CA THR B 105 -3.67 21.63 18.78
C THR B 105 -2.52 21.02 19.59
N LYS B 106 -1.29 21.14 19.09
CA LYS B 106 -0.15 20.46 19.73
C LYS B 106 0.86 21.45 20.32
N GLY B 107 1.04 22.57 19.65
CA GLY B 107 1.98 23.59 20.10
C GLY B 107 2.42 24.45 18.93
N GLN B 108 2.55 25.74 19.17
N GLN B 108 2.59 25.74 19.17
CA GLN B 108 2.91 26.68 18.12
CA GLN B 108 2.94 26.72 18.13
C GLN B 108 4.18 26.29 17.36
C GLN B 108 4.22 26.40 17.36
N LEU B 109 4.09 26.32 16.04
CA LEU B 109 5.22 26.09 15.15
C LEU B 109 5.73 27.43 14.61
N PRO B 110 7.02 27.48 14.23
CA PRO B 110 7.48 28.71 13.59
C PRO B 110 6.89 28.85 12.19
N GLU B 111 6.81 30.07 11.70
CA GLU B 111 6.42 30.34 10.32
C GLU B 111 7.32 29.55 9.37
N LEU B 112 6.69 28.84 8.44
CA LEU B 112 7.42 28.03 7.47
C LEU B 112 7.71 28.86 6.21
N PRO B 113 9.00 29.10 5.88
CA PRO B 113 9.29 29.82 4.62
C PRO B 113 9.16 28.90 3.43
N ILE B 114 8.48 29.38 2.41
CA ILE B 114 8.34 28.66 1.17
C ILE B 114 8.96 29.53 0.09
N TYR B 115 10.09 29.09 -0.45
CA TYR B 115 10.85 29.89 -1.41
C TYR B 115 10.36 29.55 -2.81
N GLY B 116 10.00 30.56 -3.59
CA GLY B 116 9.50 30.37 -4.94
C GLY B 116 9.93 31.53 -5.82
N HIS B 117 9.88 31.34 -7.13
CA HIS B 117 10.15 32.45 -8.04
C HIS B 117 8.92 33.34 -8.13
N THR B 118 9.13 34.59 -8.53
CA THR B 118 8.02 35.55 -8.52
C THR B 118 7.48 35.82 -9.91
N PHE B 119 7.82 34.98 -10.88
CA PHE B 119 7.34 35.17 -12.25
C PHE B 119 5.92 34.70 -12.46
N ASP B 120 5.44 33.81 -11.59
CA ASP B 120 4.04 33.43 -11.55
C ASP B 120 3.48 34.14 -10.34
N GLU B 121 2.80 35.27 -10.59
N GLU B 121 2.80 35.27 -10.56
CA GLU B 121 2.37 36.12 -9.50
CA GLU B 121 2.41 36.09 -9.42
C GLU B 121 1.37 35.46 -8.58
C GLU B 121 1.35 35.46 -8.54
N ASN B 122 0.36 34.84 -9.17
CA ASN B 122 -0.71 34.21 -8.40
C ASN B 122 -0.16 33.01 -7.61
N GLY B 123 0.68 32.22 -8.25
CA GLY B 123 1.31 31.08 -7.58
C GLY B 123 2.15 31.52 -6.40
N PHE B 124 3.01 32.54 -6.61
CA PHE B 124 3.82 33.03 -5.53
C PHE B 124 2.97 33.55 -4.36
N HIS B 125 1.92 34.31 -4.68
CA HIS B 125 1.04 34.84 -3.66
C HIS B 125 0.41 33.75 -2.80
N SER B 126 0.07 32.62 -3.43
N SER B 126 0.06 32.63 -3.43
CA SER B 126 -0.60 31.51 -2.75
CA SER B 126 -0.62 31.53 -2.74
C SER B 126 0.26 30.96 -1.61
C SER B 126 0.29 30.80 -1.74
N LEU B 127 1.56 31.18 -1.71
CA LEU B 127 2.51 30.55 -0.77
C LEU B 127 2.39 31.08 0.64
N THR B 128 1.79 32.26 0.79
CA THR B 128 1.63 32.86 2.10
C THR B 128 0.27 32.53 2.68
N HIS B 129 0.29 31.97 3.88
CA HIS B 129 -0.90 31.81 4.71
C HIS B 129 -0.46 32.22 6.10
N GLU B 130 -0.61 33.51 6.38
CA GLU B 130 -0.13 34.10 7.63
C GLU B 130 -0.96 33.57 8.81
N PRO B 131 -0.31 33.30 9.96
CA PRO B 131 1.12 33.37 10.26
C PRO B 131 1.89 32.07 10.05
N HIS B 132 1.27 31.08 9.42
CA HIS B 132 1.80 29.72 9.34
C HIS B 132 2.86 29.48 8.28
N THR B 133 2.71 30.10 7.11
CA THR B 133 3.69 29.96 6.04
C THR B 133 3.87 31.30 5.38
N LYS B 134 5.04 31.51 4.81
CA LYS B 134 5.32 32.76 4.12
C LYS B 134 6.08 32.52 2.83
N GLY B 135 5.57 33.07 1.74
CA GLY B 135 6.29 33.07 0.47
C GLY B 135 7.52 33.97 0.53
N ILE B 136 8.67 33.42 0.21
CA ILE B 136 9.92 34.19 0.15
C ILE B 136 10.49 34.10 -1.27
N PRO B 137 10.76 35.23 -1.92
CA PRO B 137 11.27 35.12 -3.27
C PRO B 137 12.67 34.55 -3.31
N TYR B 138 12.96 33.75 -4.33
CA TYR B 138 14.35 33.57 -4.72
C TYR B 138 14.62 34.36 -6.00
N ASN B 139 15.87 34.77 -6.14
CA ASN B 139 16.33 35.54 -7.27
C ASN B 139 17.29 34.62 -8.01
N PRO B 140 16.91 34.17 -9.22
CA PRO B 140 17.70 33.20 -9.96
C PRO B 140 19.10 33.66 -10.32
N GLU B 141 19.33 34.97 -10.26
CA GLU B 141 20.64 35.58 -10.52
C GLU B 141 21.56 35.62 -9.29
N GLU B 142 21.11 35.08 -8.16
CA GLU B 142 21.86 35.13 -6.91
C GLU B 142 21.85 33.76 -6.26
N THR B 143 22.94 33.41 -5.59
CA THR B 143 22.98 32.19 -4.78
C THR B 143 22.17 32.41 -3.52
N LEU B 144 21.33 31.44 -3.19
CA LEU B 144 20.43 31.51 -2.04
C LEU B 144 20.92 30.60 -0.92
N GLN B 145 20.89 31.07 0.32
CA GLN B 145 21.26 30.23 1.46
C GLN B 145 19.97 29.86 2.18
N ILE B 146 19.73 28.57 2.31
CA ILE B 146 18.59 28.09 3.11
C ILE B 146 19.16 27.16 4.18
N GLY B 147 19.18 27.63 5.43
CA GLY B 147 19.87 26.88 6.46
C GLY B 147 21.30 26.57 6.03
N PRO B 148 21.71 25.28 6.09
CA PRO B 148 23.09 24.95 5.75
C PRO B 148 23.27 24.68 4.26
N PHE B 149 22.21 24.87 3.48
CA PHE B 149 22.23 24.61 2.05
C PHE B 149 22.46 25.88 1.25
N SER B 150 23.34 25.78 0.26
N SER B 150 23.31 25.80 0.23
CA SER B 150 23.55 26.83 -0.72
CA SER B 150 23.49 26.90 -0.71
C SER B 150 22.83 26.36 -1.99
C SER B 150 23.03 26.48 -2.08
N ILE B 151 22.12 27.26 -2.66
CA ILE B 151 21.44 26.89 -3.89
C ILE B 151 21.66 27.89 -5.01
N SER B 152 22.13 27.43 -6.16
CA SER B 152 22.24 28.26 -7.38
C SER B 152 21.19 27.77 -8.36
N PHE B 153 20.73 28.64 -9.25
CA PHE B 153 19.61 28.34 -10.13
C PHE B 153 19.99 28.42 -11.59
N LEU B 154 19.29 27.63 -12.40
CA LEU B 154 19.41 27.69 -13.85
C LEU B 154 18.03 27.72 -14.46
N LYS B 155 17.73 28.74 -15.26
CA LYS B 155 16.43 28.82 -15.90
C LYS B 155 16.33 27.71 -16.95
N THR B 156 15.26 26.94 -16.87
CA THR B 156 15.06 25.83 -17.79
C THR B 156 14.16 26.22 -18.96
N VAL B 157 13.99 25.33 -19.92
CA VAL B 157 13.09 25.56 -21.07
C VAL B 157 11.90 24.62 -20.88
N HIS B 158 10.73 25.20 -20.61
CA HIS B 158 9.54 24.46 -20.20
C HIS B 158 8.35 25.40 -20.41
N PRO B 159 7.14 24.86 -20.57
CA PRO B 159 6.01 25.75 -20.91
C PRO B 159 5.67 26.83 -19.88
N VAL B 160 6.10 26.68 -18.63
CA VAL B 160 6.04 27.78 -17.66
C VAL B 160 7.44 28.06 -17.11
N THR B 161 7.63 29.24 -16.51
CA THR B 161 8.91 29.60 -15.92
C THR B 161 9.32 28.57 -14.87
N CYS B 162 10.56 28.11 -14.96
CA CYS B 162 11.03 27.02 -14.11
C CYS B 162 12.54 27.13 -13.89
N PHE B 163 13.00 26.73 -12.70
CA PHE B 163 14.41 26.77 -12.38
C PHE B 163 14.93 25.45 -11.85
N ALA B 164 16.00 24.98 -12.49
CA ALA B 164 16.82 23.88 -11.94
C ALA B 164 17.67 24.41 -10.79
N ARG B 166 21.24 23.78 -8.12
CA ARG B 166 22.48 23.12 -7.68
C ARG B 166 22.56 23.38 -6.18
N ILE B 167 22.45 22.29 -5.41
CA ILE B 167 22.27 22.35 -3.95
C ILE B 167 23.52 21.78 -3.29
N THR B 168 24.18 22.59 -2.47
N THR B 168 24.18 22.59 -2.47
CA THR B 168 25.44 22.17 -1.83
CA THR B 168 25.43 22.21 -1.82
C THR B 168 25.41 22.33 -0.31
C THR B 168 25.33 22.30 -0.30
N ALA B 169 25.94 21.33 0.38
CA ALA B 169 26.07 21.35 1.84
C ALA B 169 27.28 20.50 2.16
N GLY B 170 28.13 20.99 3.06
CA GLY B 170 29.40 20.31 3.32
C GLY B 170 30.15 20.09 2.02
N ASN B 171 30.60 18.85 1.81
CA ASN B 171 31.37 18.52 0.63
C ASN B 171 30.58 17.84 -0.49
N ASP B 172 29.26 17.95 -0.44
CA ASP B 172 28.39 17.24 -1.38
C ASP B 172 27.62 18.19 -2.30
N ILE B 173 27.46 17.79 -3.56
CA ILE B 173 26.74 18.61 -4.55
C ILE B 173 25.65 17.75 -5.20
N VAL B 174 24.41 18.22 -5.11
CA VAL B 174 23.28 17.56 -5.76
C VAL B 174 22.66 18.56 -6.73
N VAL B 175 22.45 18.13 -7.97
CA VAL B 175 21.76 18.93 -8.97
C VAL B 175 20.39 18.35 -9.25
N TYR B 176 19.36 19.20 -9.20
CA TYR B 176 18.00 18.81 -9.53
C TYR B 176 17.63 19.54 -10.81
N SER B 177 17.29 18.80 -11.85
CA SER B 177 16.98 19.41 -13.16
C SER B 177 15.69 20.21 -13.17
N ALA B 178 14.81 19.98 -12.19
CA ALA B 178 13.39 20.34 -12.33
C ALA B 178 12.89 19.82 -13.70
N ASP B 179 12.10 20.59 -14.44
CA ASP B 179 11.60 20.11 -15.74
C ASP B 179 12.24 20.96 -16.83
N SER B 180 12.72 20.32 -17.89
CA SER B 180 13.32 21.06 -19.01
C SER B 180 13.45 20.21 -20.25
N SER B 181 13.45 20.88 -21.40
CA SER B 181 14.02 20.27 -22.61
C SER B 181 15.52 20.49 -22.57
N TYR B 182 16.24 19.76 -23.43
CA TYR B 182 17.68 19.78 -23.38
C TYR B 182 18.25 21.17 -23.71
N ILE B 183 19.13 21.65 -22.84
CA ILE B 183 19.98 22.84 -23.10
C ILE B 183 21.43 22.55 -22.70
N PRO B 184 22.39 22.99 -23.51
CA PRO B 184 23.80 22.71 -23.21
C PRO B 184 24.28 23.38 -21.90
N GLU B 185 23.57 24.41 -21.44
CA GLU B 185 23.92 25.07 -20.17
C GLU B 185 23.83 24.10 -18.97
N PHE B 186 23.13 22.99 -19.14
CA PHE B 186 23.10 21.99 -18.09
C PHE B 186 24.48 21.42 -17.79
N ILE B 187 25.35 21.39 -18.79
CA ILE B 187 26.62 20.69 -18.63
C ILE B 187 27.50 21.36 -17.57
N PRO B 188 27.85 22.66 -17.76
CA PRO B 188 28.61 23.31 -16.67
C PRO B 188 27.86 23.40 -15.33
N PHE B 189 26.54 23.56 -15.39
CA PHE B 189 25.74 23.64 -14.17
C PHE B 189 25.85 22.37 -13.34
N THR B 190 25.94 21.22 -14.02
CA THR B 190 25.88 19.91 -13.38
C THR B 190 27.26 19.29 -13.17
N LYS B 191 28.31 19.98 -13.66
N LYS B 191 28.30 20.01 -13.61
CA LYS B 191 29.65 19.42 -13.66
CA LYS B 191 29.68 19.54 -13.52
C LYS B 191 30.06 18.89 -12.29
C LYS B 191 30.03 18.87 -12.20
N ASP B 192 30.49 17.62 -12.30
CA ASP B 192 31.05 16.91 -11.14
C ASP B 192 30.06 16.72 -9.99
N ALA B 193 28.76 16.83 -10.28
CA ALA B 193 27.75 16.56 -9.27
C ALA B 193 27.90 15.16 -8.65
N ASP B 194 27.78 15.07 -7.33
CA ASP B 194 27.71 13.75 -6.67
C ASP B 194 26.43 13.00 -7.06
N LEU B 195 25.32 13.74 -7.19
CA LEU B 195 24.05 13.19 -7.63
C LEU B 195 23.36 14.16 -8.57
N PHE B 196 22.89 13.66 -9.69
CA PHE B 196 22.08 14.41 -10.65
C PHE B 196 20.68 13.80 -10.65
N ILE B 197 19.73 14.52 -10.07
CA ILE B 197 18.33 14.10 -10.06
C ILE B 197 17.73 14.74 -11.30
N CYS B 198 17.48 13.95 -12.34
CA CYS B 198 17.13 14.52 -13.62
C CYS B 198 15.83 13.95 -14.14
N GLU B 199 14.95 14.85 -14.59
CA GLU B 199 13.71 14.42 -15.20
C GLU B 199 14.01 13.58 -16.44
N CYS B 200 13.24 12.53 -16.64
CA CYS B 200 13.41 11.70 -17.81
C CYS B 200 12.02 11.24 -18.25
N ASN B 201 11.25 12.17 -18.80
CA ASN B 201 9.85 11.88 -19.05
C ASN B 201 9.63 11.06 -20.31
N TYR B 203 11.03 8.20 -23.35
CA TYR B 203 11.92 7.14 -23.80
C TYR B 203 12.77 7.61 -24.99
N ALA B 204 13.85 6.87 -25.24
CA ALA B 204 14.86 7.26 -26.26
C ALA B 204 14.27 7.55 -27.66
N HIS B 205 13.23 6.81 -28.04
CA HIS B 205 12.63 6.97 -29.36
C HIS B 205 11.63 8.12 -29.47
N GLN B 206 11.39 8.82 -28.36
CA GLN B 206 10.30 9.77 -28.29
C GLN B 206 10.80 11.20 -28.38
N GLU B 207 9.97 12.05 -28.96
N GLU B 207 9.96 12.05 -28.98
CA GLU B 207 10.23 13.48 -29.00
CA GLU B 207 10.16 13.49 -29.02
C GLU B 207 9.83 14.12 -27.69
C GLU B 207 9.84 14.06 -27.65
N ALA B 208 10.83 14.68 -27.02
CA ALA B 208 10.67 15.24 -25.67
C ALA B 208 10.66 16.76 -25.65
N ALA B 209 11.47 17.39 -26.48
CA ALA B 209 11.64 18.85 -26.43
C ALA B 209 10.33 19.60 -26.58
N LYS B 210 9.44 19.11 -27.45
CA LYS B 210 8.15 19.78 -27.71
C LYS B 210 7.29 19.97 -26.46
N ALA B 211 7.45 19.08 -25.48
CA ALA B 211 6.70 19.14 -24.23
C ALA B 211 7.50 19.79 -23.09
N GLY B 212 8.71 20.26 -23.38
CA GLY B 212 9.55 20.86 -22.34
C GLY B 212 10.13 19.81 -21.43
N HIS B 213 10.42 18.64 -22.01
CA HIS B 213 11.01 17.51 -21.27
C HIS B 213 12.22 16.97 -22.00
N ASN B 215 14.44 13.17 -23.00
CA ASN B 215 14.42 11.72 -23.10
C ASN B 215 15.72 11.12 -22.55
N SER B 216 15.76 9.80 -22.46
CA SER B 216 16.87 9.14 -21.78
C SER B 216 18.23 9.39 -22.44
N THR B 217 18.23 9.52 -23.76
CA THR B 217 19.46 9.83 -24.51
C THR B 217 20.02 11.21 -24.10
N GLU B 218 19.14 12.21 -24.04
CA GLU B 218 19.56 13.58 -23.72
C GLU B 218 20.03 13.68 -22.27
N VAL B 219 19.31 13.02 -21.36
CA VAL B 219 19.71 12.99 -19.94
C VAL B 219 21.07 12.34 -19.77
N ALA B 220 21.26 11.20 -20.41
CA ALA B 220 22.50 10.46 -20.28
C ALA B 220 23.66 11.27 -20.86
N SER B 221 23.39 12.03 -21.93
CA SER B 221 24.41 12.91 -22.51
C SER B 221 24.90 13.93 -21.50
N ILE B 222 23.97 14.52 -20.75
CA ILE B 222 24.37 15.46 -19.68
C ILE B 222 25.21 14.76 -18.62
N ALA B 223 24.74 13.61 -18.12
CA ALA B 223 25.49 12.90 -17.08
C ALA B 223 26.92 12.59 -17.54
N LYS B 224 27.05 12.14 -18.78
CA LYS B 224 28.37 11.86 -19.36
C LYS B 224 29.22 13.12 -19.47
N ASP B 225 28.66 14.15 -20.13
CA ASP B 225 29.42 15.38 -20.43
C ASP B 225 29.81 16.14 -19.14
N ALA B 226 28.98 16.06 -18.11
CA ALA B 226 29.24 16.72 -16.83
C ALA B 226 30.03 15.85 -15.85
N ASN B 227 30.26 14.58 -16.20
CA ASN B 227 30.99 13.66 -15.34
C ASN B 227 30.33 13.51 -13.95
N VAL B 228 29.00 13.34 -13.93
CA VAL B 228 28.33 13.15 -12.64
C VAL B 228 28.66 11.77 -12.07
N LYS B 229 28.65 11.67 -10.74
N LYS B 229 28.53 11.62 -10.76
CA LYS B 229 29.08 10.45 -10.05
CA LYS B 229 28.77 10.33 -10.12
C LYS B 229 27.96 9.44 -10.01
C LYS B 229 27.56 9.42 -10.26
N GLU B 230 26.72 9.95 -9.95
N GLU B 230 26.39 9.91 -9.84
CA GLU B 230 25.48 9.15 -10.02
CA GLU B 230 25.20 9.10 -9.75
C GLU B 230 24.35 9.92 -10.70
C GLU B 230 24.10 9.86 -10.43
N LEU B 231 23.46 9.18 -11.37
CA LEU B 231 22.34 9.72 -12.09
C LEU B 231 21.06 9.06 -11.56
N LEU B 232 20.10 9.87 -11.13
CA LEU B 232 18.80 9.40 -10.68
C LEU B 232 17.74 9.90 -11.66
N LEU B 233 17.09 8.98 -12.37
CA LEU B 233 16.07 9.31 -13.37
C LEU B 233 14.74 9.45 -12.66
N THR B 234 14.06 10.57 -12.89
CA THR B 234 12.82 10.86 -12.17
C THR B 234 11.79 11.51 -13.10
N HIS B 235 10.68 11.98 -12.52
CA HIS B 235 9.57 12.59 -13.31
C HIS B 235 9.10 11.62 -14.40
N LEU B 236 8.83 10.40 -13.95
CA LEU B 236 8.68 9.25 -14.82
C LEU B 236 7.36 9.19 -15.56
N PRO B 237 7.38 8.59 -16.76
CA PRO B 237 6.19 8.47 -17.60
C PRO B 237 5.26 7.33 -17.19
N HIS B 238 4.07 7.35 -17.78
CA HIS B 238 2.99 6.46 -17.42
C HIS B 238 2.66 5.41 -18.48
N THR B 239 3.53 5.31 -19.48
CA THR B 239 3.44 4.24 -20.47
C THR B 239 4.71 3.42 -20.39
N GLY B 240 4.68 2.24 -20.98
CA GLY B 240 5.88 1.40 -21.06
C GLY B 240 6.34 0.88 -19.72
N ASN B 241 7.60 0.45 -19.71
CA ASN B 241 8.26 -0.09 -18.52
C ASN B 241 9.38 0.86 -18.16
N PRO B 242 9.18 1.73 -17.15
CA PRO B 242 10.19 2.77 -16.91
C PRO B 242 11.62 2.32 -16.65
N ALA B 243 11.84 1.10 -16.17
CA ALA B 243 13.20 0.62 -16.02
C ALA B 243 13.95 0.55 -17.36
N ASP B 244 13.21 0.53 -18.46
CA ASP B 244 13.83 0.59 -19.79
C ASP B 244 14.63 1.89 -19.98
N LEU B 245 14.24 2.95 -19.26
CA LEU B 245 15.00 4.21 -19.30
C LEU B 245 16.43 4.00 -18.80
N VAL B 246 16.59 3.12 -17.82
CA VAL B 246 17.91 2.80 -17.28
C VAL B 246 18.74 2.09 -18.35
N THR B 247 18.14 1.10 -19.00
CA THR B 247 18.80 0.38 -20.09
C THR B 247 19.28 1.33 -21.18
N GLU B 248 18.41 2.26 -21.56
CA GLU B 248 18.71 3.24 -22.62
C GLU B 248 19.84 4.18 -22.20
N ALA B 249 19.75 4.72 -21.00
CA ALA B 249 20.75 5.66 -20.51
C ALA B 249 22.13 5.02 -20.35
N LYS B 250 22.19 3.74 -19.95
CA LYS B 250 23.48 3.08 -19.71
C LYS B 250 24.33 2.91 -20.98
N GLN B 251 23.67 2.94 -22.14
CA GLN B 251 24.38 2.85 -23.42
C GLN B 251 25.22 4.09 -23.71
N ILE B 252 24.92 5.20 -23.01
CA ILE B 252 25.58 6.48 -23.25
C ILE B 252 26.43 6.88 -22.03
N PHE B 253 25.85 6.74 -20.83
CA PHE B 253 26.51 7.12 -19.58
C PHE B 253 26.97 5.87 -18.83
N SER B 254 28.26 5.84 -18.50
CA SER B 254 28.90 4.64 -17.90
C SER B 254 28.85 4.58 -16.36
N GLY B 255 28.38 5.65 -15.72
CA GLY B 255 28.35 5.69 -14.27
C GLY B 255 27.10 5.06 -13.68
N HIS B 256 26.85 5.34 -12.40
CA HIS B 256 25.73 4.71 -11.70
C HIS B 256 24.42 5.34 -12.11
N ILE B 257 23.43 4.50 -12.44
CA ILE B 257 22.12 4.98 -12.87
C ILE B 257 21.04 4.26 -12.10
N THR B 258 20.16 5.06 -11.48
CA THR B 258 19.09 4.53 -10.65
C THR B 258 17.77 5.16 -11.09
N LEU B 259 16.71 4.37 -11.12
CA LEU B 259 15.35 4.86 -11.31
C LEU B 259 14.78 5.32 -9.97
N ALA B 260 14.22 6.52 -9.93
CA ALA B 260 13.57 6.99 -8.72
C ALA B 260 12.42 6.06 -8.34
N HIS B 261 12.24 5.92 -7.02
CA HIS B 261 11.14 5.18 -6.44
C HIS B 261 10.86 5.73 -5.03
N SER B 262 9.68 5.42 -4.47
CA SER B 262 9.33 5.89 -3.14
C SER B 262 10.35 5.50 -2.09
N GLY B 263 10.86 6.50 -1.37
CA GLY B 263 11.78 6.22 -0.27
C GLY B 263 13.19 5.88 -0.65
N TYR B 264 13.56 6.01 -1.93
CA TYR B 264 14.98 5.92 -2.29
C TYR B 264 15.79 6.92 -1.46
N VAL B 265 16.89 6.47 -0.86
CA VAL B 265 17.77 7.34 -0.06
C VAL B 265 19.15 7.42 -0.69
N TRP B 266 19.61 8.66 -0.91
CA TRP B 266 20.98 8.92 -1.32
C TRP B 266 21.76 9.54 -0.15
N ASN B 267 22.94 8.98 0.13
CA ASN B 267 23.79 9.44 1.23
C ASN B 267 25.13 9.78 0.64
N SER B 268 25.74 10.83 1.18
CA SER B 268 27.14 11.11 0.99
C SER B 268 28.03 9.91 1.26
N ALA C 24 -14.32 -2.11 25.44
CA ALA C 24 -15.19 -3.20 24.92
C ALA C 24 -14.55 -3.86 23.69
N LYS C 26 -13.41 -5.27 20.10
CA LYS C 26 -13.21 -4.75 18.76
C LYS C 26 -12.72 -5.92 17.89
N THR C 28 -10.92 -6.44 13.92
CA THR C 28 -10.41 -5.90 12.65
C THR C 28 -10.18 -7.06 11.69
N VAL C 29 -10.72 -6.94 10.47
CA VAL C 29 -10.42 -7.90 9.40
C VAL C 29 -9.01 -7.64 8.89
N VAL C 30 -8.13 -8.62 9.09
CA VAL C 30 -6.76 -8.54 8.59
C VAL C 30 -6.69 -9.17 7.20
N GLY C 31 -7.29 -10.36 7.05
CA GLY C 31 -7.39 -11.03 5.74
C GLY C 31 -8.71 -11.77 5.63
N PHE C 32 -9.19 -11.95 4.40
CA PHE C 32 -10.56 -12.41 4.20
C PHE C 32 -10.76 -13.23 2.91
N TRP C 33 -9.71 -13.40 2.10
CA TRP C 33 -9.84 -14.16 0.85
C TRP C 33 -9.90 -15.65 1.14
N GLY C 34 -10.76 -16.35 0.42
CA GLY C 34 -10.77 -17.82 0.49
C GLY C 34 -9.62 -18.44 -0.29
N GLY C 35 -8.96 -19.44 0.31
CA GLY C 35 -8.00 -20.26 -0.43
C GLY C 35 -6.63 -19.66 -0.69
N PHE C 36 -6.60 -18.46 -1.27
CA PHE C 36 -5.36 -17.78 -1.58
C PHE C 36 -5.69 -16.29 -1.68
N PRO C 37 -4.68 -15.42 -1.47
CA PRO C 37 -5.00 -13.99 -1.43
C PRO C 37 -4.98 -13.37 -2.82
N GLU C 38 -5.78 -12.33 -2.99
N GLU C 38 -5.77 -12.32 -3.01
CA GLU C 38 -5.66 -11.44 -4.15
CA GLU C 38 -5.61 -11.49 -4.19
C GLU C 38 -4.50 -10.47 -3.94
C GLU C 38 -4.56 -10.43 -3.94
N ALA C 39 -4.15 -9.71 -4.98
CA ALA C 39 -3.02 -8.80 -4.92
C ALA C 39 -2.99 -7.91 -3.71
N GLY C 40 -1.85 -7.91 -3.01
CA GLY C 40 -1.64 -7.03 -1.87
C GLY C 40 -2.50 -7.29 -0.62
N GLU C 41 -3.18 -8.44 -0.59
CA GLU C 41 -4.09 -8.72 0.54
C GLU C 41 -3.76 -10.03 1.22
N ALA C 42 -4.72 -10.61 1.93
CA ALA C 42 -4.44 -11.79 2.77
C ALA C 42 -5.65 -12.73 2.84
N THR C 43 -5.37 -13.99 3.21
CA THR C 43 -6.42 -14.94 3.51
C THR C 43 -6.80 -14.83 5.00
N SER C 44 -7.54 -15.79 5.51
CA SER C 44 -8.19 -15.67 6.82
C SER C 44 -7.27 -15.18 7.95
N GLY C 45 -7.66 -14.08 8.59
CA GLY C 45 -7.02 -13.61 9.81
C GLY C 45 -7.85 -12.46 10.38
N TYR C 46 -8.26 -12.58 11.64
CA TYR C 46 -9.16 -11.60 12.28
C TYR C 46 -8.56 -11.22 13.60
N LEU C 47 -8.35 -9.93 13.83
CA LEU C 47 -7.76 -9.47 15.07
C LEU C 47 -8.82 -9.02 16.04
N PHE C 48 -8.92 -9.72 17.16
CA PHE C 48 -9.82 -9.37 18.25
C PHE C 48 -9.07 -8.63 19.35
N GLU C 49 -9.67 -7.55 19.84
CA GLU C 49 -9.07 -6.78 20.93
C GLU C 49 -10.10 -6.48 22.02
N HIS C 50 -9.71 -6.72 23.27
CA HIS C 50 -10.56 -6.40 24.42
C HIS C 50 -9.64 -6.11 25.58
N ASP C 51 -9.86 -4.97 26.25
CA ASP C 51 -9.06 -4.58 27.43
C ASP C 51 -7.54 -4.69 27.22
N GLY C 52 -7.08 -4.33 26.03
CA GLY C 52 -5.66 -4.35 25.67
C GLY C 52 -5.13 -5.70 25.25
N PHE C 53 -5.97 -6.72 25.28
CA PHE C 53 -5.56 -8.06 24.88
C PHE C 53 -5.82 -8.28 23.40
N ARG C 54 -4.78 -8.71 22.68
CA ARG C 54 -4.82 -8.89 21.23
C ARG C 54 -4.81 -10.37 20.90
N LEU C 55 -5.95 -10.84 20.40
CA LEU C 55 -6.13 -12.23 20.00
C LEU C 55 -6.28 -12.35 18.49
N LEU C 56 -5.38 -13.10 17.86
CA LEU C 56 -5.46 -13.27 16.41
C LEU C 56 -6.18 -14.58 16.14
N VAL C 57 -7.29 -14.53 15.41
CA VAL C 57 -8.07 -15.70 15.01
C VAL C 57 -7.72 -16.03 13.55
N ASP C 58 -7.05 -17.17 13.39
CA ASP C 58 -6.48 -17.67 12.13
C ASP C 58 -5.30 -16.82 11.67
N CYS C 59 -4.44 -17.39 10.83
CA CYS C 59 -3.15 -16.79 10.53
C CYS C 59 -2.70 -17.24 9.14
N GLY C 60 -3.50 -16.88 8.16
CA GLY C 60 -3.29 -17.31 6.76
C GLY C 60 -2.20 -16.57 6.00
N SER C 61 -2.25 -16.72 4.69
CA SER C 61 -1.23 -16.15 3.82
C SER C 61 -1.38 -14.64 3.72
N GLY C 62 -0.27 -13.93 3.89
CA GLY C 62 -0.29 -12.47 3.85
C GLY C 62 -0.75 -11.83 5.14
N VAL C 63 -1.15 -12.64 6.12
CA VAL C 63 -1.69 -12.12 7.38
C VAL C 63 -0.65 -11.40 8.21
N LEU C 64 0.57 -11.93 8.32
CA LEU C 64 1.58 -11.22 9.13
C LEU C 64 1.92 -9.86 8.49
N ALA C 65 2.04 -9.80 7.18
CA ALA C 65 2.24 -8.53 6.48
C ALA C 65 1.10 -7.53 6.72
N GLN C 66 -0.15 -8.00 6.61
CA GLN C 66 -1.31 -7.13 6.79
C GLN C 66 -1.49 -6.72 8.24
N LEU C 67 -1.19 -7.63 9.16
CA LEU C 67 -1.43 -7.41 10.57
C LEU C 67 -0.72 -6.16 11.07
N GLN C 68 0.45 -5.90 10.48
CA GLN C 68 1.31 -4.83 10.95
C GLN C 68 0.86 -3.45 10.49
N LYS C 69 -0.23 -3.41 9.74
CA LYS C 69 -0.95 -2.14 9.52
C LYS C 69 -1.66 -1.72 10.81
N TYR C 70 -1.86 -2.65 11.74
CA TYR C 70 -2.68 -2.43 12.94
C TYR C 70 -1.88 -2.51 14.24
N ILE C 71 -1.09 -3.58 14.37
CA ILE C 71 -0.30 -3.84 15.57
C ILE C 71 1.04 -4.45 15.18
N THR C 72 1.97 -4.52 16.13
CA THR C 72 3.26 -5.13 15.87
C THR C 72 3.20 -6.62 16.22
N PRO C 73 4.15 -7.41 15.70
CA PRO C 73 4.18 -8.82 16.13
C PRO C 73 4.34 -9.01 17.66
N SER C 74 5.06 -8.10 18.30
N SER C 74 5.05 -8.10 18.31
CA SER C 74 5.22 -8.12 19.76
CA SER C 74 5.20 -8.18 19.78
C SER C 74 3.88 -7.97 20.47
C SER C 74 3.90 -7.90 20.51
N ASP C 75 2.99 -7.18 19.86
CA ASP C 75 1.69 -6.85 20.45
C ASP C 75 0.72 -8.03 20.53
N ILE C 76 0.93 -9.06 19.71
CA ILE C 76 0.04 -10.23 19.74
C ILE C 76 0.14 -10.92 21.11
N ASP C 77 -1.01 -11.20 21.73
CA ASP C 77 -1.01 -11.85 23.03
C ASP C 77 -1.28 -13.35 22.90
N ALA C 78 -2.05 -13.74 21.89
CA ALA C 78 -2.37 -15.14 21.66
C ALA C 78 -2.89 -15.30 20.25
N VAL C 79 -2.86 -16.54 19.74
CA VAL C 79 -3.41 -16.89 18.44
C VAL C 79 -4.28 -18.11 18.66
N VAL C 80 -5.39 -18.22 17.93
CA VAL C 80 -6.24 -19.41 17.98
C VAL C 80 -6.61 -19.81 16.55
N LEU C 81 -6.58 -21.10 16.23
CA LEU C 81 -6.69 -21.59 14.85
C LEU C 81 -7.87 -22.52 14.67
N SER C 82 -8.68 -22.29 13.64
CA SER C 82 -9.84 -23.12 13.39
C SER C 82 -9.48 -24.47 12.80
N HIS C 83 -8.50 -24.48 11.90
CA HIS C 83 -8.08 -25.67 11.18
C HIS C 83 -6.76 -25.41 10.50
N TYR C 84 -6.17 -26.47 9.94
CA TYR C 84 -4.79 -26.40 9.45
C TYR C 84 -4.64 -26.30 7.95
N HIS C 85 -5.73 -25.97 7.23
CA HIS C 85 -5.63 -25.63 5.82
C HIS C 85 -4.65 -24.46 5.65
N HIS C 86 -3.93 -24.47 4.53
CA HIS C 86 -2.89 -23.45 4.32
C HIS C 86 -3.40 -22.01 4.42
N ASP C 87 -4.63 -21.76 3.97
CA ASP C 87 -5.18 -20.41 3.98
C ASP C 87 -5.55 -19.93 5.39
N HIS C 88 -5.35 -20.78 6.40
CA HIS C 88 -5.63 -20.40 7.77
C HIS C 88 -4.40 -20.48 8.67
N VAL C 89 -3.30 -21.07 8.17
CA VAL C 89 -2.09 -21.21 8.99
C VAL C 89 -0.77 -20.82 8.29
N ALA C 90 -0.83 -20.35 7.05
CA ALA C 90 0.40 -20.16 6.27
C ALA C 90 1.48 -19.32 6.95
N ASP C 91 1.06 -18.32 7.73
CA ASP C 91 2.02 -17.41 8.33
C ASP C 91 2.46 -17.77 9.75
N ILE C 92 2.08 -18.95 10.24
CA ILE C 92 2.50 -19.31 11.59
C ILE C 92 4.03 -19.39 11.73
N GLY C 93 4.68 -19.97 10.71
CA GLY C 93 6.13 -20.15 10.76
C GLY C 93 6.87 -18.82 10.81
N VAL C 94 6.52 -17.90 9.91
CA VAL C 94 7.20 -16.60 9.94
C VAL C 94 6.82 -15.78 11.17
N LEU C 95 5.64 -16.04 11.74
CA LEU C 95 5.30 -15.44 13.03
C LEU C 95 6.22 -15.95 14.14
N GLN C 96 6.49 -17.26 14.13
CA GLN C 96 7.50 -17.81 15.04
C GLN C 96 8.86 -17.12 14.85
N TYR C 97 9.27 -16.93 13.60
CA TYR C 97 10.53 -16.22 13.34
C TYR C 97 10.47 -14.78 13.82
N ALA C 98 9.32 -14.10 13.60
CA ALA C 98 9.16 -12.71 14.05
C ALA C 98 9.37 -12.59 15.55
N ARG C 99 8.84 -13.55 16.31
CA ARG C 99 8.98 -13.49 17.77
C ARG C 99 10.43 -13.75 18.16
N LEU C 100 11.06 -14.74 17.52
CA LEU C 100 12.47 -15.09 17.77
C LEU C 100 13.38 -13.90 17.49
N ILE C 101 13.23 -13.33 16.31
CA ILE C 101 14.09 -12.24 15.87
C ILE C 101 13.92 -11.01 16.75
N THR C 102 12.66 -10.66 17.03
CA THR C 102 12.36 -9.51 17.87
C THR C 102 12.94 -9.68 19.27
N SER C 103 12.80 -10.88 19.84
CA SER C 103 13.35 -11.14 21.17
C SER C 103 14.86 -10.96 21.21
N ALA C 104 15.54 -11.44 20.16
CA ALA C 104 17.00 -11.41 20.09
C ALA C 104 17.54 -10.00 19.88
N THR C 105 16.78 -9.15 19.21
CA THR C 105 17.30 -7.85 18.77
C THR C 105 16.72 -6.65 19.51
N LYS C 106 15.47 -6.77 19.98
CA LYS C 106 14.78 -5.64 20.59
C LYS C 106 14.41 -5.86 22.05
N GLY C 107 14.60 -7.09 22.54
CA GLY C 107 14.28 -7.43 23.92
C GLY C 107 13.33 -8.62 24.02
N GLN C 108 13.64 -9.52 24.93
CA GLN C 108 12.91 -10.76 25.15
C GLN C 108 11.39 -10.55 25.26
N LEU C 109 10.65 -11.32 24.47
CA LEU C 109 9.18 -11.33 24.52
C LEU C 109 8.68 -12.52 25.31
N PRO C 110 7.47 -12.43 25.87
CA PRO C 110 6.86 -13.60 26.49
C PRO C 110 6.62 -14.70 25.46
N GLU C 111 6.57 -15.94 25.91
CA GLU C 111 6.21 -17.05 25.05
C GLU C 111 4.78 -16.84 24.54
N LEU C 112 4.59 -17.01 23.23
CA LEU C 112 3.29 -16.77 22.59
C LEU C 112 2.48 -18.07 22.50
N PRO C 113 1.34 -18.15 23.20
CA PRO C 113 0.50 -19.35 23.09
C PRO C 113 -0.31 -19.32 21.78
N ILE C 114 -0.30 -20.46 21.10
CA ILE C 114 -1.02 -20.67 19.85
C ILE C 114 -1.94 -21.85 20.08
N TYR C 115 -3.24 -21.57 20.15
CA TYR C 115 -4.23 -22.57 20.47
C TYR C 115 -4.72 -23.26 19.20
N GLY C 116 -4.73 -24.58 19.19
CA GLY C 116 -5.20 -25.32 18.05
C GLY C 116 -5.75 -26.66 18.48
N HIS C 117 -6.46 -27.31 17.57
CA HIS C 117 -6.96 -28.65 17.87
C HIS C 117 -5.87 -29.70 17.69
N THR C 118 -6.03 -30.84 18.35
CA THR C 118 -4.95 -31.83 18.36
C THR C 118 -5.19 -33.00 17.43
N PHE C 119 -6.22 -32.91 16.59
CA PHE C 119 -6.56 -34.03 15.71
C PHE C 119 -5.61 -34.16 14.53
N ASP C 120 -5.03 -33.02 14.11
CA ASP C 120 -3.99 -33.01 13.08
C ASP C 120 -2.68 -32.95 13.87
N GLU C 121 -2.08 -34.12 14.08
CA GLU C 121 -0.96 -34.21 14.99
C GLU C 121 0.24 -33.40 14.52
N ASN C 122 0.55 -33.48 13.22
CA ASN C 122 1.72 -32.79 12.66
C ASN C 122 1.47 -31.28 12.73
N GLY C 123 0.24 -30.89 12.39
CA GLY C 123 -0.13 -29.46 12.40
C GLY C 123 -0.04 -28.90 13.81
N PHE C 124 -0.59 -29.62 14.77
CA PHE C 124 -0.49 -29.16 16.15
C PHE C 124 0.96 -29.08 16.63
N HIS C 125 1.76 -30.10 16.31
CA HIS C 125 3.15 -30.10 16.74
C HIS C 125 3.94 -28.88 16.21
N SER C 126 3.62 -28.46 14.98
N SER C 126 3.61 -28.46 14.99
CA SER C 126 4.29 -27.34 14.31
CA SER C 126 4.31 -27.36 14.32
C SER C 126 4.18 -26.03 15.08
C SER C 126 4.06 -25.98 14.94
N LEU C 127 3.11 -25.91 15.88
CA LEU C 127 2.80 -24.65 16.56
C LEU C 127 3.83 -24.28 17.62
N THR C 128 4.59 -25.29 18.09
CA THR C 128 5.61 -25.04 19.09
C THR C 128 6.97 -24.72 18.48
N HIS C 129 7.53 -23.60 18.90
CA HIS C 129 8.92 -23.28 18.59
C HIS C 129 9.48 -22.65 19.86
N GLU C 130 10.03 -23.51 20.74
CA GLU C 130 10.45 -23.10 22.07
C GLU C 130 11.67 -22.20 21.99
N PRO C 131 11.74 -21.15 22.86
CA PRO C 131 10.77 -20.66 23.84
C PRO C 131 9.85 -19.56 23.31
N HIS C 132 9.72 -19.45 21.99
CA HIS C 132 9.07 -18.29 21.36
C HIS C 132 7.57 -18.46 21.25
N THR C 133 7.14 -19.66 20.87
CA THR C 133 5.72 -19.97 20.78
C THR C 133 5.47 -21.36 21.34
N LYS C 134 4.26 -21.59 21.82
CA LYS C 134 3.88 -22.88 22.36
C LYS C 134 2.50 -23.27 21.89
N GLY C 135 2.37 -24.46 21.32
CA GLY C 135 1.05 -25.00 20.97
C GLY C 135 0.30 -25.37 22.23
N ILE C 136 -0.93 -24.86 22.34
CA ILE C 136 -1.80 -25.15 23.48
C ILE C 136 -3.04 -25.83 22.93
N PRO C 137 -3.36 -27.03 23.41
CA PRO C 137 -4.53 -27.69 22.87
C PRO C 137 -5.83 -27.01 23.31
N TYR C 138 -6.79 -26.92 22.40
CA TYR C 138 -8.16 -26.71 22.85
C TYR C 138 -8.98 -27.99 22.76
N ASN C 139 -9.96 -28.11 23.64
CA ASN C 139 -10.86 -29.23 23.67
C ASN C 139 -12.21 -28.73 23.15
N PRO C 140 -12.63 -29.20 21.96
CA PRO C 140 -13.86 -28.67 21.36
C PRO C 140 -15.13 -28.94 22.16
N GLU C 141 -15.04 -29.80 23.17
CA GLU C 141 -16.20 -30.11 24.02
C GLU C 141 -16.28 -29.21 25.24
N GLU C 142 -15.30 -28.31 25.38
CA GLU C 142 -15.20 -27.44 26.54
C GLU C 142 -15.08 -25.98 26.13
N THR C 143 -15.28 -25.09 27.11
CA THR C 143 -15.12 -23.66 26.89
C THR C 143 -13.67 -23.28 27.25
N LEU C 144 -13.01 -22.59 26.33
CA LEU C 144 -11.62 -22.22 26.47
C LEU C 144 -11.56 -20.77 26.97
N GLN C 145 -10.63 -20.50 27.88
N GLN C 145 -10.67 -20.51 27.92
CA GLN C 145 -10.42 -19.13 28.37
CA GLN C 145 -10.41 -19.14 28.32
C GLN C 145 -9.07 -18.61 27.92
C GLN C 145 -9.07 -18.73 27.74
N ILE C 146 -9.09 -17.57 27.09
CA ILE C 146 -7.86 -16.94 26.60
C ILE C 146 -7.87 -15.49 27.08
N GLY C 147 -7.14 -15.22 28.17
CA GLY C 147 -7.20 -13.88 28.76
C GLY C 147 -8.64 -13.54 29.06
N PRO C 148 -9.14 -12.38 28.58
CA PRO C 148 -10.53 -11.95 28.81
C PRO C 148 -11.58 -12.59 27.88
N PHE C 149 -11.12 -13.41 26.93
CA PHE C 149 -12.02 -14.05 25.99
C PHE C 149 -12.41 -15.46 26.41
N SER C 150 -13.67 -15.81 26.18
N SER C 150 -13.68 -15.80 26.25
CA SER C 150 -14.20 -17.16 26.40
CA SER C 150 -14.10 -17.17 26.35
C SER C 150 -14.71 -17.74 25.08
C SER C 150 -14.46 -17.64 24.95
N ILE C 151 -14.21 -18.91 24.69
CA ILE C 151 -14.48 -19.50 23.39
C ILE C 151 -15.09 -20.89 23.50
N SER C 152 -16.24 -21.09 22.86
CA SER C 152 -16.76 -22.44 22.69
C SER C 152 -16.74 -22.79 21.20
N PHE C 153 -16.85 -24.08 20.91
CA PHE C 153 -16.55 -24.61 19.58
C PHE C 153 -17.67 -25.44 18.99
N LEU C 154 -17.75 -25.43 17.67
CA LEU C 154 -18.68 -26.28 16.94
C LEU C 154 -17.92 -26.95 15.82
N LYS C 155 -17.96 -28.29 15.77
CA LYS C 155 -17.30 -29.02 14.70
C LYS C 155 -18.00 -28.78 13.39
N THR C 156 -17.26 -28.34 12.38
CA THR C 156 -17.88 -28.03 11.09
C THR C 156 -17.78 -29.21 10.14
N VAL C 157 -18.39 -29.09 8.97
CA VAL C 157 -18.28 -30.11 7.92
C VAL C 157 -17.41 -29.53 6.81
N HIS C 158 -16.23 -30.09 6.62
CA HIS C 158 -15.21 -29.49 5.77
C HIS C 158 -14.21 -30.62 5.46
N PRO C 159 -13.44 -30.53 4.36
CA PRO C 159 -12.54 -31.65 4.03
C PRO C 159 -11.49 -32.05 5.06
N VAL C 160 -11.18 -31.16 6.02
CA VAL C 160 -10.35 -31.48 7.16
C VAL C 160 -11.07 -31.05 8.42
N THR C 161 -10.64 -31.61 9.55
CA THR C 161 -11.23 -31.29 10.85
C THR C 161 -11.13 -29.78 11.09
N CYS C 162 -12.24 -29.18 11.53
CA CYS C 162 -12.31 -27.72 11.66
C CYS C 162 -13.35 -27.36 12.69
N PHE C 163 -13.13 -26.25 13.38
CA PHE C 163 -14.06 -25.79 14.42
C PHE C 163 -14.41 -24.33 14.26
N ALA C 164 -15.71 -24.07 14.21
CA ALA C 164 -16.27 -22.74 14.36
C ALA C 164 -16.14 -22.31 15.82
N ARG C 166 -17.44 -19.55 19.07
CA ARG C 166 -18.32 -18.54 19.66
C ARG C 166 -17.49 -17.81 20.71
N ILE C 167 -17.17 -16.56 20.43
CA ILE C 167 -16.16 -15.81 21.18
C ILE C 167 -16.87 -14.74 21.98
N THR C 168 -16.68 -14.76 23.29
CA THR C 168 -17.35 -13.81 24.16
C THR C 168 -16.34 -13.03 25.00
N ALA C 169 -16.71 -11.78 25.27
CA ALA C 169 -15.96 -10.95 26.20
C ALA C 169 -16.96 -9.92 26.65
N GLY C 170 -17.04 -9.71 27.95
CA GLY C 170 -18.10 -8.87 28.50
C GLY C 170 -19.45 -9.43 28.09
N ASN C 171 -20.31 -8.56 27.56
CA ASN C 171 -21.65 -8.96 27.14
C ASN C 171 -21.77 -9.15 25.62
N ASP C 172 -20.64 -9.10 24.93
CA ASP C 172 -20.63 -9.21 23.47
C ASP C 172 -20.36 -10.64 23.02
N ILE C 173 -21.01 -11.02 21.92
CA ILE C 173 -20.87 -12.36 21.34
C ILE C 173 -20.53 -12.22 19.86
N VAL C 174 -19.41 -12.82 19.46
CA VAL C 174 -19.04 -12.90 18.05
C VAL C 174 -18.89 -14.36 17.67
N VAL C 175 -19.54 -14.76 16.59
CA VAL C 175 -19.40 -16.14 16.12
C VAL C 175 -18.64 -16.12 14.81
N TYR C 176 -17.62 -16.96 14.73
CA TYR C 176 -16.83 -17.16 13.52
C TYR C 176 -17.12 -18.53 12.96
N SER C 177 -17.60 -18.60 11.73
CA SER C 177 -18.00 -19.89 11.16
C SER C 177 -16.82 -20.80 10.89
N ALA C 178 -15.60 -20.24 10.79
CA ALA C 178 -14.50 -20.97 10.14
C ALA C 178 -15.04 -21.43 8.75
N ASP C 179 -14.70 -22.62 8.30
CA ASP C 179 -15.16 -23.09 7.01
C ASP C 179 -16.10 -24.27 7.23
N SER C 180 -17.22 -24.27 6.50
CA SER C 180 -18.18 -25.38 6.64
C SER C 180 -19.19 -25.39 5.52
N SER C 181 -19.72 -26.57 5.22
CA SER C 181 -20.99 -26.63 4.51
C SER C 181 -22.11 -26.39 5.54
N TYR C 182 -23.31 -26.09 5.04
CA TYR C 182 -24.42 -25.76 5.92
C TYR C 182 -24.80 -26.96 6.81
N ILE C 183 -24.85 -26.71 8.11
CA ILE C 183 -25.40 -27.66 9.10
C ILE C 183 -26.36 -26.94 10.04
N PRO C 184 -27.48 -27.60 10.41
CA PRO C 184 -28.44 -26.87 11.24
C PRO C 184 -27.95 -26.55 12.65
N GLU C 185 -26.91 -27.26 13.09
CA GLU C 185 -26.31 -27.01 14.40
C GLU C 185 -25.76 -25.58 14.52
N PHE C 186 -25.55 -24.91 13.39
CA PHE C 186 -25.13 -23.52 13.41
C PHE C 186 -26.14 -22.60 14.05
N ILE C 187 -27.42 -22.97 13.99
CA ILE C 187 -28.47 -22.07 14.46
C ILE C 187 -28.44 -21.88 16.00
N PRO C 188 -28.52 -22.96 16.79
CA PRO C 188 -28.35 -22.72 18.24
C PRO C 188 -26.99 -22.15 18.62
N PHE C 189 -25.94 -22.51 17.87
CA PHE C 189 -24.59 -22.08 18.22
C PHE C 189 -24.43 -20.56 18.02
N THR C 190 -25.12 -20.04 17.01
CA THR C 190 -24.98 -18.67 16.57
C THR C 190 -26.08 -17.74 17.17
N LYS C 191 -26.99 -18.34 17.92
CA LYS C 191 -28.13 -17.61 18.49
C LYS C 191 -27.75 -16.28 19.14
N ASP C 192 -28.41 -15.22 18.68
CA ASP C 192 -28.30 -13.86 19.23
C ASP C 192 -26.91 -13.23 19.13
N ALA C 193 -26.06 -13.75 18.25
CA ALA C 193 -24.72 -13.19 18.11
C ALA C 193 -24.78 -11.73 17.71
N ASP C 194 -23.93 -10.90 18.33
CA ASP C 194 -23.81 -9.50 17.90
C ASP C 194 -23.20 -9.38 16.52
N LEU C 195 -22.26 -10.29 16.22
CA LEU C 195 -21.64 -10.35 14.90
C LEU C 195 -21.46 -11.80 14.52
N PHE C 196 -21.88 -12.15 13.31
CA PHE C 196 -21.61 -13.46 12.71
C PHE C 196 -20.68 -13.26 11.54
N ILE C 197 -19.43 -13.71 11.73
CA ILE C 197 -18.38 -13.69 10.70
C ILE C 197 -18.49 -15.03 9.99
N CYS C 198 -19.08 -15.03 8.81
CA CYS C 198 -19.40 -16.28 8.15
C CYS C 198 -18.80 -16.41 6.77
N GLU C 199 -18.19 -17.56 6.53
CA GLU C 199 -17.67 -17.84 5.20
C GLU C 199 -18.82 -17.86 4.20
N CYS C 200 -18.56 -17.29 3.04
CA CYS C 200 -19.54 -17.28 1.98
C CYS C 200 -18.81 -17.47 0.67
N ASN C 201 -18.34 -18.69 0.44
CA ASN C 201 -17.45 -18.92 -0.69
C ASN C 201 -18.19 -19.04 -2.02
N TYR C 203 -21.72 -18.18 -4.58
CA TYR C 203 -22.90 -17.38 -4.90
C TYR C 203 -24.15 -18.25 -4.82
N ALA C 204 -25.33 -17.61 -4.79
CA ALA C 204 -26.59 -18.31 -4.55
C ALA C 204 -26.84 -19.41 -5.57
N HIS C 205 -26.39 -19.21 -6.81
CA HIS C 205 -26.64 -20.19 -7.88
C HIS C 205 -25.69 -21.38 -7.86
N GLN C 206 -24.71 -21.36 -6.95
CA GLN C 206 -23.67 -22.39 -6.93
C GLN C 206 -23.83 -23.38 -5.79
N GLU C 207 -23.62 -24.67 -6.09
N GLU C 207 -23.62 -24.66 -6.13
CA GLU C 207 -23.66 -25.70 -5.06
CA GLU C 207 -23.48 -25.73 -5.18
C GLU C 207 -22.38 -25.68 -4.23
C GLU C 207 -22.30 -25.43 -4.25
N ALA C 208 -22.56 -25.44 -2.94
CA ALA C 208 -21.47 -25.22 -1.97
C ALA C 208 -21.13 -26.41 -1.07
N ALA C 209 -22.17 -27.17 -0.69
CA ALA C 209 -21.99 -28.23 0.30
C ALA C 209 -20.93 -29.25 -0.06
N LYS C 210 -20.91 -29.69 -1.32
CA LYS C 210 -19.94 -30.71 -1.73
C LYS C 210 -18.47 -30.27 -1.57
N ALA C 211 -18.23 -28.96 -1.57
CA ALA C 211 -16.90 -28.37 -1.33
C ALA C 211 -16.59 -28.02 0.14
N GLY C 212 -17.52 -28.29 1.04
CA GLY C 212 -17.31 -27.93 2.44
C GLY C 212 -17.38 -26.43 2.68
N HIS C 213 -18.23 -25.77 1.88
CA HIS C 213 -18.47 -24.33 1.96
C HIS C 213 -19.96 -24.02 1.94
N ASN C 215 -23.09 -21.15 0.51
CA ASN C 215 -23.50 -20.06 -0.38
C ASN C 215 -24.31 -19.00 0.35
N SER C 216 -24.56 -17.88 -0.34
CA SER C 216 -25.17 -16.72 0.30
C SER C 216 -26.54 -17.05 0.88
N THR C 217 -27.28 -17.93 0.21
CA THR C 217 -28.63 -18.30 0.67
C THR C 217 -28.55 -19.02 2.01
N GLU C 218 -27.59 -19.94 2.12
CA GLU C 218 -27.41 -20.74 3.32
C GLU C 218 -26.95 -19.88 4.49
N VAL C 219 -25.98 -19.01 4.21
CA VAL C 219 -25.45 -18.08 5.21
C VAL C 219 -26.55 -17.16 5.75
N ALA C 220 -27.34 -16.62 4.83
CA ALA C 220 -28.43 -15.71 5.22
C ALA C 220 -29.47 -16.45 6.06
N SER C 221 -29.68 -17.72 5.74
N SER C 221 -29.70 -17.72 5.75
CA SER C 221 -30.64 -18.57 6.46
CA SER C 221 -30.68 -18.51 6.50
C SER C 221 -30.25 -18.74 7.92
C SER C 221 -30.24 -18.66 7.95
N ILE C 222 -28.95 -18.90 8.19
CA ILE C 222 -28.45 -19.00 9.56
C ILE C 222 -28.63 -17.65 10.26
N ALA C 223 -28.22 -16.57 9.62
CA ALA C 223 -28.32 -15.25 10.24
C ALA C 223 -29.76 -14.92 10.64
N LYS C 224 -30.70 -15.25 9.74
CA LYS C 224 -32.12 -15.08 10.03
C LYS C 224 -32.57 -15.97 11.19
N ASP C 225 -32.32 -17.27 11.08
CA ASP C 225 -32.86 -18.22 12.07
C ASP C 225 -32.25 -18.02 13.46
N ALA C 226 -30.98 -17.61 13.49
CA ALA C 226 -30.24 -17.34 14.74
C ALA C 226 -30.48 -15.94 15.31
N ASN C 227 -31.20 -15.10 14.57
CA ASN C 227 -31.46 -13.71 14.97
C ASN C 227 -30.17 -12.94 15.28
N VAL C 228 -29.20 -13.05 14.36
CA VAL C 228 -27.96 -12.30 14.54
C VAL C 228 -28.17 -10.81 14.23
N LYS C 229 -27.36 -9.97 14.86
N LYS C 229 -27.38 -9.97 14.88
CA LYS C 229 -27.47 -8.50 14.72
CA LYS C 229 -27.51 -8.53 14.68
C LYS C 229 -26.69 -7.92 13.54
C LYS C 229 -26.86 -8.10 13.38
N GLU C 230 -25.52 -8.49 13.28
N GLU C 230 -25.58 -8.47 13.21
CA GLU C 230 -24.78 -8.13 12.07
CA GLU C 230 -24.83 -8.07 12.04
C GLU C 230 -24.23 -9.39 11.43
C GLU C 230 -24.11 -9.28 11.43
N LEU C 231 -24.19 -9.37 10.10
CA LEU C 231 -23.62 -10.49 9.33
C LEU C 231 -22.45 -9.96 8.52
N LEU C 232 -21.28 -10.59 8.67
CA LEU C 232 -20.10 -10.23 7.91
C LEU C 232 -19.73 -11.39 6.98
N LEU C 233 -19.81 -11.16 5.67
CA LEU C 233 -19.53 -12.20 4.67
C LEU C 233 -18.04 -12.21 4.38
N THR C 234 -17.42 -13.37 4.54
CA THR C 234 -15.98 -13.47 4.37
C THR C 234 -15.54 -14.74 3.61
N HIS C 235 -14.24 -15.00 3.57
CA HIS C 235 -13.69 -16.18 2.86
C HIS C 235 -14.15 -16.15 1.40
N LEU C 236 -13.92 -15.02 0.76
CA LEU C 236 -14.58 -14.67 -0.50
C LEU C 236 -13.97 -15.37 -1.69
N PRO C 237 -14.79 -15.61 -2.73
CA PRO C 237 -14.39 -16.25 -3.98
C PRO C 237 -13.63 -15.31 -4.92
N HIS C 238 -13.03 -15.89 -5.95
CA HIS C 238 -12.15 -15.16 -6.87
C HIS C 238 -12.75 -15.01 -8.26
N THR C 239 -14.03 -15.34 -8.37
CA THR C 239 -14.79 -15.08 -9.60
C THR C 239 -15.98 -14.21 -9.27
N GLY C 240 -16.57 -13.61 -10.30
CA GLY C 240 -17.80 -12.82 -10.13
C GLY C 240 -17.58 -11.51 -9.40
N ASN C 241 -18.68 -10.91 -8.98
CA ASN C 241 -18.68 -9.69 -8.22
C ASN C 241 -19.21 -9.99 -6.82
N PRO C 242 -18.32 -10.06 -5.82
CA PRO C 242 -18.73 -10.40 -4.46
C PRO C 242 -19.81 -9.48 -3.87
N ALA C 243 -19.98 -8.28 -4.41
CA ALA C 243 -21.09 -7.43 -3.94
C ALA C 243 -22.46 -8.12 -4.15
N ASP C 244 -22.54 -8.99 -5.15
CA ASP C 244 -23.76 -9.76 -5.38
C ASP C 244 -24.12 -10.67 -4.20
N LEU C 245 -23.12 -11.08 -3.42
CA LEU C 245 -23.38 -11.88 -2.23
C LEU C 245 -24.24 -11.13 -1.21
N VAL C 246 -23.98 -9.84 -1.06
CA VAL C 246 -24.76 -8.98 -0.17
C VAL C 246 -26.21 -8.93 -0.65
N THR C 247 -26.41 -8.61 -1.94
CA THR C 247 -27.73 -8.54 -2.54
C THR C 247 -28.50 -9.86 -2.37
N GLU C 248 -27.81 -10.97 -2.62
CA GLU C 248 -28.40 -12.29 -2.47
C GLU C 248 -28.82 -12.55 -1.00
N ALA C 249 -27.92 -12.25 -0.06
CA ALA C 249 -28.20 -12.50 1.34
C ALA C 249 -29.36 -11.64 1.88
N LYS C 250 -29.45 -10.41 1.39
CA LYS C 250 -30.50 -9.47 1.79
C LYS C 250 -31.91 -9.94 1.43
N GLN C 251 -32.03 -10.86 0.47
CA GLN C 251 -33.35 -11.39 0.11
C GLN C 251 -33.93 -12.28 1.20
N ILE C 252 -33.06 -12.71 2.12
CA ILE C 252 -33.44 -13.67 3.15
C ILE C 252 -33.24 -13.11 4.55
N PHE C 253 -32.14 -12.38 4.75
CA PHE C 253 -31.80 -11.80 6.06
C PHE C 253 -31.99 -10.28 6.06
N SER C 254 -32.79 -9.80 7.00
CA SER C 254 -33.16 -8.38 7.02
C SER C 254 -32.27 -7.50 7.91
N GLY C 255 -31.30 -8.11 8.61
CA GLY C 255 -30.39 -7.34 9.45
C GLY C 255 -29.23 -6.69 8.69
N HIS C 256 -28.26 -6.18 9.43
CA HIS C 256 -27.12 -5.50 8.83
C HIS C 256 -26.16 -6.50 8.18
N ILE C 257 -25.79 -6.26 6.93
CA ILE C 257 -24.90 -7.15 6.18
C ILE C 257 -23.73 -6.36 5.63
N THR C 258 -22.52 -6.87 5.90
CA THR C 258 -21.28 -6.27 5.46
C THR C 258 -20.47 -7.31 4.67
N LEU C 259 -19.82 -6.87 3.62
CA LEU C 259 -18.89 -7.72 2.86
C LEU C 259 -17.50 -7.42 3.42
N ALA C 260 -16.73 -8.46 3.81
CA ALA C 260 -15.39 -8.23 4.36
C ALA C 260 -14.50 -7.50 3.38
N HIS C 261 -13.67 -6.60 3.95
CA HIS C 261 -12.59 -5.93 3.20
C HIS C 261 -11.43 -5.68 4.16
N SER C 262 -10.27 -5.36 3.61
CA SER C 262 -9.08 -5.13 4.44
C SER C 262 -9.33 -3.96 5.40
N GLY C 263 -9.16 -4.22 6.69
CA GLY C 263 -9.26 -3.12 7.65
C GLY C 263 -10.66 -2.82 8.14
N TYR C 264 -11.64 -3.62 7.73
CA TYR C 264 -12.98 -3.49 8.29
C TYR C 264 -12.93 -3.67 9.81
N VAL C 265 -13.53 -2.73 10.54
CA VAL C 265 -13.55 -2.76 12.01
C VAL C 265 -14.97 -2.88 12.52
N TRP C 266 -15.22 -3.87 13.35
CA TRP C 266 -16.47 -4.00 14.08
C TRP C 266 -16.25 -3.60 15.53
N ASN C 267 -17.17 -2.79 16.05
CA ASN C 267 -17.14 -2.45 17.47
C ASN C 267 -18.45 -2.84 18.07
N SER C 268 -18.38 -3.30 19.31
CA SER C 268 -19.56 -3.50 20.11
C SER C 268 -20.01 -2.15 20.67
N LEU D 18 -24.20 -4.58 -18.65
CA LEU D 18 -25.26 -3.91 -17.82
C LEU D 18 -26.34 -4.88 -17.35
N TYR D 19 -26.84 -5.71 -18.28
CA TYR D 19 -28.05 -6.48 -18.04
C TYR D 19 -28.03 -7.39 -16.79
N PHE D 20 -26.90 -8.07 -16.54
CA PHE D 20 -26.76 -9.02 -15.41
C PHE D 20 -25.84 -8.50 -14.31
N GLN D 21 -25.56 -7.20 -14.35
CA GLN D 21 -24.63 -6.62 -13.38
C GLN D 21 -25.36 -6.02 -12.19
N SER D 22 -24.63 -5.80 -11.11
CA SER D 22 -25.18 -5.32 -9.85
C SER D 22 -26.00 -4.05 -10.02
N ASN D 23 -27.20 -4.07 -9.45
CA ASN D 23 -28.09 -2.91 -9.40
C ASN D 23 -27.95 -2.11 -8.10
N ALA D 24 -26.98 -2.49 -7.29
CA ALA D 24 -26.75 -1.85 -5.99
C ALA D 24 -25.87 -0.63 -6.15
N LYS D 26 -22.43 1.23 -4.67
CA LYS D 26 -21.23 0.99 -3.91
C LYS D 26 -20.65 2.35 -3.58
N THR D 28 -16.94 3.76 -1.97
CA THR D 28 -15.63 3.51 -1.40
C THR D 28 -15.00 4.77 -0.83
N VAL D 29 -14.52 4.71 0.41
CA VAL D 29 -13.78 5.84 0.99
C VAL D 29 -12.38 5.84 0.38
N VAL D 30 -12.09 6.90 -0.38
CA VAL D 30 -10.77 7.09 -0.94
C VAL D 30 -9.88 7.85 0.05
N GLY D 31 -10.38 8.97 0.56
CA GLY D 31 -9.71 9.71 1.64
C GLY D 31 -10.71 10.27 2.65
N PHE D 32 -10.25 10.45 3.88
CA PHE D 32 -11.15 10.73 4.99
C PHE D 32 -10.58 11.68 6.04
N TRP D 33 -9.32 12.09 5.91
CA TRP D 33 -8.68 12.96 6.92
C TRP D 33 -9.18 14.38 6.77
N GLY D 34 -9.42 15.04 7.90
CA GLY D 34 -9.73 16.46 7.89
C GLY D 34 -8.48 17.30 7.70
N GLY D 35 -8.54 18.28 6.80
CA GLY D 35 -7.51 19.32 6.74
C GLY D 35 -6.26 18.91 5.97
N PHE D 36 -5.62 17.80 6.37
CA PHE D 36 -4.41 17.32 5.71
C PHE D 36 -4.35 15.81 5.95
N PRO D 37 -3.67 15.06 5.07
CA PRO D 37 -3.63 13.60 5.23
C PRO D 37 -2.56 13.14 6.19
N GLU D 38 -2.83 12.04 6.90
N GLU D 38 -2.81 12.03 6.88
CA GLU D 38 -1.80 11.32 7.64
CA GLU D 38 -1.75 11.36 7.63
C GLU D 38 -0.98 10.46 6.67
C GLU D 38 -1.04 10.39 6.71
N ALA D 39 0.09 9.86 7.17
CA ALA D 39 1.00 9.08 6.33
C ALA D 39 0.32 8.09 5.40
N GLY D 40 0.62 8.20 4.10
CA GLY D 40 0.18 7.25 3.09
C GLY D 40 -1.32 7.27 2.79
N GLU D 41 -2.02 8.29 3.26
CA GLU D 41 -3.48 8.36 3.10
C GLU D 41 -3.94 9.65 2.41
N ALA D 42 -5.20 10.01 2.56
CA ALA D 42 -5.76 11.11 1.78
C ALA D 42 -6.82 11.88 2.56
N THR D 43 -7.06 13.13 2.15
CA THR D 43 -8.20 13.91 2.66
C THR D 43 -9.45 13.61 1.81
N SER D 44 -10.49 14.39 1.98
CA SER D 44 -11.82 14.03 1.47
C SER D 44 -11.89 13.58 0.01
N GLY D 45 -12.40 12.37 -0.21
CA GLY D 45 -12.69 11.84 -1.55
C GLY D 45 -13.46 10.53 -1.39
N TYR D 46 -14.62 10.45 -2.03
CA TYR D 46 -15.53 9.33 -1.89
C TYR D 46 -15.97 8.88 -3.26
N LEU D 47 -15.75 7.60 -3.58
CA LEU D 47 -16.09 7.09 -4.91
C LEU D 47 -17.45 6.42 -4.90
N PHE D 48 -18.41 6.95 -5.65
CA PHE D 48 -19.73 6.34 -5.76
C PHE D 48 -19.84 5.62 -7.09
N GLU D 49 -20.37 4.39 -7.05
CA GLU D 49 -20.57 3.59 -8.25
C GLU D 49 -21.98 3.03 -8.31
N HIS D 50 -22.61 3.17 -9.47
CA HIS D 50 -23.93 2.60 -9.73
C HIS D 50 -24.07 2.47 -11.24
N ASP D 51 -24.55 1.31 -11.69
CA ASP D 51 -24.68 1.03 -13.14
C ASP D 51 -23.38 1.24 -13.92
N GLY D 52 -22.25 0.95 -13.28
CA GLY D 52 -20.94 1.15 -13.92
C GLY D 52 -20.50 2.60 -14.08
N PHE D 53 -21.26 3.52 -13.48
CA PHE D 53 -20.94 4.94 -13.55
C PHE D 53 -20.17 5.32 -12.28
N ARG D 54 -19.00 5.93 -12.50
CA ARG D 54 -18.06 6.29 -11.43
C ARG D 54 -18.13 7.79 -11.15
N LEU D 55 -18.70 8.13 -10.00
CA LEU D 55 -18.80 9.54 -9.55
C LEU D 55 -17.88 9.78 -8.35
N LEU D 56 -16.92 10.69 -8.52
CA LEU D 56 -16.04 11.05 -7.41
C LEU D 56 -16.58 12.28 -6.69
N VAL D 57 -16.89 12.12 -5.40
CA VAL D 57 -17.35 13.21 -4.53
C VAL D 57 -16.17 13.76 -3.72
N ASP D 58 -15.79 15.00 -4.02
CA ASP D 58 -14.60 15.69 -3.51
C ASP D 58 -13.28 15.05 -3.97
N CYS D 59 -12.21 15.83 -3.96
CA CYS D 59 -10.98 15.43 -4.64
C CYS D 59 -9.78 16.09 -3.92
N GLY D 60 -9.63 15.72 -2.65
CA GLY D 60 -8.62 16.32 -1.78
C GLY D 60 -7.21 15.80 -1.99
N SER D 61 -6.36 16.11 -1.02
CA SER D 61 -4.94 15.77 -1.12
C SER D 61 -4.71 14.26 -0.99
N GLY D 62 -3.89 13.71 -1.89
CA GLY D 62 -3.62 12.27 -1.88
C GLY D 62 -4.72 11.45 -2.50
N VAL D 63 -5.80 12.09 -2.93
CA VAL D 63 -6.94 11.37 -3.46
C VAL D 63 -6.67 10.70 -4.80
N LEU D 64 -5.96 11.36 -5.71
CA LEU D 64 -5.74 10.73 -7.02
C LEU D 64 -4.84 9.50 -6.84
N ALA D 65 -3.87 9.59 -5.94
CA ALA D 65 -2.99 8.45 -5.61
C ALA D 65 -3.79 7.32 -5.01
N GLN D 66 -4.66 7.63 -4.06
CA GLN D 66 -5.45 6.57 -3.43
C GLN D 66 -6.52 5.98 -4.35
N LEU D 67 -7.11 6.83 -5.18
CA LEU D 67 -8.19 6.39 -6.06
C LEU D 67 -7.78 5.25 -6.96
N GLN D 68 -6.52 5.26 -7.37
CA GLN D 68 -6.06 4.27 -8.34
C GLN D 68 -5.80 2.91 -7.70
N LYS D 69 -5.99 2.81 -6.39
CA LYS D 69 -6.17 1.50 -5.76
C LYS D 69 -7.48 0.82 -6.19
N TYR D 70 -8.44 1.60 -6.73
CA TYR D 70 -9.81 1.13 -7.00
C TYR D 70 -10.16 1.19 -8.48
N ILE D 71 -9.84 2.31 -9.13
CA ILE D 71 -10.17 2.54 -10.55
C ILE D 71 -9.08 3.39 -11.20
N THR D 72 -9.05 3.45 -12.53
CA THR D 72 -8.09 4.29 -13.24
C THR D 72 -8.62 5.71 -13.41
N PRO D 73 -7.74 6.68 -13.71
CA PRO D 73 -8.27 8.03 -13.97
C PRO D 73 -9.22 8.07 -15.18
N SER D 74 -9.01 7.18 -16.16
CA SER D 74 -9.91 7.04 -17.31
C SER D 74 -11.32 6.60 -16.92
N ASP D 75 -11.41 5.82 -15.85
CA ASP D 75 -12.68 5.26 -15.38
C ASP D 75 -13.60 6.29 -14.74
N ILE D 76 -13.04 7.43 -14.31
CA ILE D 76 -13.87 8.47 -13.67
C ILE D 76 -14.84 9.04 -14.71
N ASP D 77 -16.13 9.08 -14.36
CA ASP D 77 -17.17 9.60 -15.26
C ASP D 77 -17.60 11.02 -14.93
N ALA D 78 -17.50 11.39 -13.65
CA ALA D 78 -17.83 12.74 -13.21
C ALA D 78 -17.25 12.99 -11.83
N VAL D 79 -17.05 14.26 -11.51
CA VAL D 79 -16.61 14.70 -10.20
C VAL D 79 -17.60 15.77 -9.72
N VAL D 80 -17.92 15.74 -8.44
CA VAL D 80 -18.73 16.81 -7.83
C VAL D 80 -18.06 17.28 -6.55
N LEU D 81 -18.02 18.61 -6.35
CA LEU D 81 -17.23 19.21 -5.26
C LEU D 81 -18.10 19.99 -4.30
N SER D 82 -17.91 19.75 -3.02
CA SER D 82 -18.72 20.43 -1.99
C SER D 82 -18.28 21.88 -1.78
N HIS D 83 -16.97 22.12 -1.85
CA HIS D 83 -16.39 23.45 -1.59
C HIS D 83 -14.92 23.45 -1.99
N TYR D 84 -14.30 24.62 -1.94
CA TYR D 84 -12.98 24.80 -2.55
C TYR D 84 -11.81 24.87 -1.56
N HIS D 85 -12.07 24.48 -0.30
CA HIS D 85 -10.97 24.29 0.65
C HIS D 85 -9.95 23.27 0.09
N HIS D 86 -8.67 23.49 0.41
CA HIS D 86 -7.59 22.66 -0.14
C HIS D 86 -7.81 21.17 0.09
N ASP D 87 -8.31 20.82 1.27
CA ASP D 87 -8.50 19.40 1.58
C ASP D 87 -9.66 18.75 0.79
N HIS D 88 -10.36 19.52 -0.04
CA HIS D 88 -11.44 18.97 -0.86
C HIS D 88 -11.19 19.09 -2.37
N VAL D 89 -10.16 19.85 -2.76
CA VAL D 89 -9.86 20.09 -4.19
C VAL D 89 -8.39 19.98 -4.60
N ALA D 90 -7.51 19.65 -3.65
CA ALA D 90 -6.05 19.66 -3.92
C ALA D 90 -5.62 18.92 -5.18
N ASP D 91 -6.30 17.81 -5.48
CA ASP D 91 -5.89 16.97 -6.59
C ASP D 91 -6.60 17.24 -7.93
N ILE D 92 -7.39 18.31 -8.02
CA ILE D 92 -8.06 18.58 -9.28
C ILE D 92 -7.08 18.85 -10.42
N GLY D 93 -6.03 19.62 -10.14
CA GLY D 93 -5.05 19.98 -11.17
C GLY D 93 -4.33 18.78 -11.75
N VAL D 94 -3.83 17.93 -10.88
CA VAL D 94 -3.18 16.71 -11.38
C VAL D 94 -4.16 15.73 -12.02
N LEU D 95 -5.44 15.78 -11.62
CA LEU D 95 -6.48 14.99 -12.31
C LEU D 95 -6.62 15.50 -13.75
N GLN D 96 -6.62 16.81 -13.92
CA GLN D 96 -6.60 17.40 -15.26
C GLN D 96 -5.42 16.94 -16.07
N TYR D 97 -4.23 16.91 -15.45
CA TYR D 97 -3.04 16.43 -16.14
C TYR D 97 -3.16 14.95 -16.49
N ALA D 98 -3.72 14.15 -15.59
CA ALA D 98 -3.91 12.72 -15.84
C ALA D 98 -4.78 12.49 -17.07
N ARG D 99 -5.88 13.25 -17.19
CA ARG D 99 -6.76 13.08 -18.36
C ARG D 99 -6.04 13.51 -19.65
N LEU D 100 -5.33 14.63 -19.59
CA LEU D 100 -4.56 15.13 -20.73
C LEU D 100 -3.53 14.11 -21.20
N ILE D 101 -2.69 13.64 -20.28
CA ILE D 101 -1.58 12.76 -20.59
C ILE D 101 -2.11 11.42 -21.10
N THR D 102 -3.15 10.91 -20.44
CA THR D 102 -3.74 9.63 -20.83
C THR D 102 -4.36 9.73 -22.24
N SER D 103 -5.00 10.85 -22.54
CA SER D 103 -5.62 11.06 -23.85
C SER D 103 -4.59 11.06 -24.97
N ALA D 104 -3.43 11.64 -24.67
CA ALA D 104 -2.36 11.76 -25.66
C ALA D 104 -1.64 10.45 -25.93
N THR D 105 -1.54 9.61 -24.89
CA THR D 105 -0.60 8.51 -24.92
C THR D 105 -1.28 7.15 -24.98
N LYS D 106 -2.54 7.11 -24.58
CA LYS D 106 -3.26 5.83 -24.51
C LYS D 106 -4.54 5.83 -25.36
N GLY D 107 -5.06 7.01 -25.68
CA GLY D 107 -6.28 7.13 -26.48
C GLY D 107 -7.20 8.21 -25.94
N GLN D 108 -7.80 8.98 -26.84
CA GLN D 108 -8.61 10.14 -26.49
C GLN D 108 -9.74 9.81 -25.52
N LEU D 109 -9.83 10.56 -24.44
CA LEU D 109 -10.87 10.40 -23.43
C LEU D 109 -11.97 11.43 -23.64
N PRO D 110 -13.21 11.09 -23.23
CA PRO D 110 -14.24 12.13 -23.27
C PRO D 110 -13.97 13.25 -22.26
N GLU D 111 -14.49 14.45 -22.53
CA GLU D 111 -14.37 15.57 -21.61
C GLU D 111 -14.98 15.18 -20.27
N LEU D 112 -14.23 15.39 -19.19
CA LEU D 112 -14.71 15.04 -17.85
C LEU D 112 -15.45 16.21 -17.21
N PRO D 113 -16.75 16.03 -16.89
CA PRO D 113 -17.46 17.11 -16.19
C PRO D 113 -17.10 17.15 -14.71
N ILE D 114 -16.82 18.34 -14.22
CA ILE D 114 -16.54 18.57 -12.81
C ILE D 114 -17.54 19.60 -12.31
N TYR D 115 -18.43 19.17 -11.45
CA TYR D 115 -19.54 20.00 -10.97
C TYR D 115 -19.11 20.73 -9.71
N GLY D 116 -19.26 22.06 -9.72
CA GLY D 116 -18.90 22.88 -8.56
C GLY D 116 -19.84 24.04 -8.43
N HIS D 117 -19.82 24.70 -7.26
CA HIS D 117 -20.63 25.89 -7.04
C HIS D 117 -19.90 27.11 -7.58
N THR D 118 -20.64 28.19 -7.81
CA THR D 118 -20.06 29.39 -8.42
C THR D 118 -19.91 30.59 -7.49
N PHE D 119 -19.95 30.36 -6.18
CA PHE D 119 -19.81 31.44 -5.23
C PHE D 119 -18.34 31.85 -5.13
N ASP D 120 -17.43 30.93 -5.50
CA ASP D 120 -15.99 31.20 -5.55
C ASP D 120 -15.63 31.08 -7.02
N GLU D 121 -15.58 32.21 -7.72
N GLU D 121 -15.59 32.22 -7.70
CA GLU D 121 -15.42 32.23 -9.17
CA GLU D 121 -15.41 32.28 -9.15
C GLU D 121 -14.05 31.71 -9.62
C GLU D 121 -14.07 31.71 -9.59
N ASN D 122 -13.00 32.09 -8.90
CA ASN D 122 -11.65 31.61 -9.21
C ASN D 122 -11.58 30.10 -9.03
N GLY D 123 -12.18 29.61 -7.94
CA GLY D 123 -12.25 28.16 -7.67
C GLY D 123 -12.96 27.47 -8.82
N PHE D 124 -14.13 27.97 -9.18
CA PHE D 124 -14.91 27.37 -10.26
C PHE D 124 -14.17 27.38 -11.61
N HIS D 125 -13.51 28.49 -11.92
N HIS D 125 -13.51 28.49 -11.92
CA HIS D 125 -12.78 28.62 -13.18
CA HIS D 125 -12.76 28.64 -13.19
C HIS D 125 -11.69 27.54 -13.30
C HIS D 125 -11.62 27.63 -13.31
N SER D 126 -11.06 27.22 -12.17
CA SER D 126 -9.94 26.28 -12.14
C SER D 126 -10.35 24.87 -12.55
N LEU D 127 -11.65 24.61 -12.57
CA LEU D 127 -12.15 23.27 -12.88
C LEU D 127 -12.08 22.91 -14.36
N THR D 128 -11.96 23.94 -15.20
CA THR D 128 -11.93 23.75 -16.64
C THR D 128 -10.50 23.71 -17.16
N HIS D 129 -10.17 22.65 -17.90
CA HIS D 129 -8.94 22.57 -18.65
C HIS D 129 -9.33 21.92 -19.98
N GLU D 130 -9.73 22.75 -20.93
N GLU D 130 -9.69 22.77 -20.94
CA GLU D 130 -10.26 22.23 -22.21
CA GLU D 130 -10.18 22.32 -22.26
C GLU D 130 -9.19 21.56 -23.05
C GLU D 130 -9.13 21.55 -23.05
N PRO D 131 -9.55 20.48 -23.77
CA PRO D 131 -10.87 19.83 -23.80
C PRO D 131 -10.95 18.63 -22.84
N HIS D 132 -10.11 18.62 -21.82
CA HIS D 132 -9.99 17.45 -20.94
C HIS D 132 -10.98 17.38 -19.78
N THR D 133 -11.21 18.53 -19.14
CA THR D 133 -12.20 18.66 -18.09
C THR D 133 -12.97 19.94 -18.28
N LYS D 134 -14.22 19.95 -17.82
CA LYS D 134 -15.07 21.12 -17.95
C LYS D 134 -15.79 21.37 -16.64
N GLY D 135 -15.68 22.60 -16.14
CA GLY D 135 -16.46 23.02 -14.99
C GLY D 135 -17.91 23.20 -15.38
N ILE D 136 -18.79 22.56 -14.61
CA ILE D 136 -20.23 22.70 -14.79
C ILE D 136 -20.85 23.21 -13.49
N PRO D 137 -21.57 24.33 -13.54
CA PRO D 137 -22.10 24.87 -12.30
C PRO D 137 -23.24 24.00 -11.78
N TYR D 138 -23.32 23.84 -10.47
CA TYR D 138 -24.55 23.33 -9.89
C TYR D 138 -25.34 24.45 -9.24
N ASN D 139 -26.66 24.31 -9.30
CA ASN D 139 -27.60 25.23 -8.69
C ASN D 139 -28.11 24.57 -7.41
N PRO D 140 -27.70 25.08 -6.25
CA PRO D 140 -28.02 24.42 -4.98
C PRO D 140 -29.51 24.41 -4.61
N GLU D 141 -30.31 25.14 -5.37
CA GLU D 141 -31.77 25.15 -5.21
C GLU D 141 -32.45 24.07 -6.05
N GLU D 142 -31.71 23.45 -6.96
CA GLU D 142 -32.27 22.44 -7.85
C GLU D 142 -31.66 21.07 -7.64
N THR D 143 -32.31 20.06 -8.22
CA THR D 143 -31.81 18.70 -8.20
C THR D 143 -30.99 18.48 -9.47
N LEU D 144 -29.80 17.94 -9.30
CA LEU D 144 -28.85 17.72 -10.37
C LEU D 144 -28.82 16.23 -10.73
N GLN D 145 -28.83 15.92 -12.02
N GLN D 145 -28.91 15.92 -12.02
CA GLN D 145 -28.77 14.54 -12.50
CA GLN D 145 -28.72 14.56 -12.49
C GLN D 145 -27.42 14.23 -13.15
C GLN D 145 -27.30 14.43 -12.98
N ILE D 146 -26.61 13.39 -12.49
CA ILE D 146 -25.28 13.03 -12.99
C ILE D 146 -25.28 11.54 -13.22
N GLY D 147 -25.33 11.15 -14.50
CA GLY D 147 -25.53 9.74 -14.84
C GLY D 147 -26.78 9.21 -14.14
N PRO D 148 -26.65 8.07 -13.44
CA PRO D 148 -27.79 7.46 -12.74
C PRO D 148 -28.10 8.09 -11.37
N PHE D 149 -27.28 9.06 -10.97
CA PHE D 149 -27.40 9.72 -9.69
C PHE D 149 -28.22 10.99 -9.75
N SER D 150 -29.01 11.21 -8.71
N SER D 150 -29.06 11.18 -8.74
CA SER D 150 -29.81 12.42 -8.54
CA SER D 150 -29.74 12.44 -8.54
C SER D 150 -29.38 13.10 -7.23
C SER D 150 -29.17 13.06 -7.28
N ILE D 151 -28.89 14.35 -7.34
CA ILE D 151 -28.26 15.04 -6.20
C ILE D 151 -29.01 16.32 -5.83
N SER D 152 -29.35 16.45 -4.56
CA SER D 152 -29.85 17.72 -4.04
C SER D 152 -28.88 18.23 -2.99
N PHE D 153 -28.97 19.52 -2.69
CA PHE D 153 -27.95 20.21 -1.91
C PHE D 153 -28.50 20.95 -0.70
N LEU D 154 -27.66 21.09 0.33
CA LEU D 154 -27.97 21.92 1.50
C LEU D 154 -26.78 22.80 1.81
N LYS D 155 -26.99 24.11 1.85
CA LYS D 155 -25.93 25.05 2.20
C LYS D 155 -25.54 24.84 3.65
N THR D 156 -24.25 24.61 3.88
CA THR D 156 -23.78 24.39 5.23
C THR D 156 -23.25 25.69 5.87
N VAL D 157 -22.91 25.63 7.15
CA VAL D 157 -22.25 26.73 7.85
C VAL D 157 -20.78 26.39 8.05
N HIS D 158 -19.92 27.13 7.35
CA HIS D 158 -18.51 26.80 7.27
C HIS D 158 -17.81 28.09 6.82
N PRO D 159 -16.49 28.25 7.13
CA PRO D 159 -15.82 29.51 6.78
C PRO D 159 -15.81 29.92 5.32
N VAL D 160 -16.08 28.97 4.41
CA VAL D 160 -16.30 29.29 3.00
C VAL D 160 -17.58 28.63 2.55
N THR D 161 -18.14 29.09 1.43
CA THR D 161 -19.39 28.55 0.90
C THR D 161 -19.23 27.04 0.69
N CYS D 162 -20.22 26.28 1.14
CA CYS D 162 -20.10 24.82 1.10
C CYS D 162 -21.47 24.18 1.02
N PHE D 163 -21.57 23.07 0.29
CA PHE D 163 -22.84 22.36 0.16
C PHE D 163 -22.74 20.88 0.53
N ALA D 164 -23.60 20.47 1.46
CA ALA D 164 -23.88 19.04 1.69
C ALA D 164 -24.73 18.48 0.53
N ARG D 166 -27.33 15.18 -0.97
CA ARG D 166 -28.19 14.02 -0.80
C ARG D 166 -28.22 13.31 -2.14
N ILE D 167 -27.56 12.15 -2.19
CA ILE D 167 -27.26 11.45 -3.42
C ILE D 167 -28.13 10.21 -3.52
N THR D 168 -28.91 10.09 -4.59
CA THR D 168 -29.83 8.97 -4.73
C THR D 168 -29.62 8.25 -6.06
N ALA D 169 -29.73 6.93 -6.02
CA ALA D 169 -29.75 6.08 -7.21
C ALA D 169 -30.44 4.80 -6.78
N GLY D 170 -31.24 4.23 -7.68
CA GLY D 170 -32.11 3.11 -7.30
C GLY D 170 -33.04 3.53 -6.18
N ASN D 171 -33.20 2.70 -5.16
CA ASN D 171 -33.93 3.10 -3.97
C ASN D 171 -33.02 3.36 -2.78
N ASP D 172 -31.77 3.73 -3.08
CA ASP D 172 -30.80 4.06 -2.04
C ASP D 172 -30.62 5.56 -1.91
N ILE D 173 -30.45 6.00 -0.66
CA ILE D 173 -30.18 7.40 -0.36
C ILE D 173 -28.91 7.49 0.49
N VAL D 174 -27.94 8.27 0.01
CA VAL D 174 -26.73 8.55 0.78
C VAL D 174 -26.60 10.06 0.97
N VAL D 175 -26.44 10.48 2.21
CA VAL D 175 -26.19 11.89 2.48
C VAL D 175 -24.73 12.09 2.89
N TYR D 176 -24.11 13.08 2.26
CA TYR D 176 -22.75 13.52 2.61
C TYR D 176 -22.83 14.92 3.21
N SER D 177 -22.36 15.07 4.44
CA SER D 177 -22.50 16.34 5.14
C SER D 177 -21.61 17.44 4.57
N ALA D 178 -20.57 17.08 3.81
CA ALA D 178 -19.46 18.00 3.56
C ALA D 178 -19.00 18.53 4.93
N ASP D 179 -18.66 19.81 5.03
CA ASP D 179 -18.19 20.36 6.28
C ASP D 179 -19.23 21.33 6.81
N SER D 180 -19.50 21.31 8.12
CA SER D 180 -20.48 22.22 8.68
C SER D 180 -20.44 22.23 10.19
N SER D 181 -20.85 23.34 10.78
CA SER D 181 -21.28 23.33 12.17
C SER D 181 -22.75 22.90 12.20
N TYR D 182 -23.23 22.54 13.40
CA TYR D 182 -24.59 22.01 13.53
C TYR D 182 -25.64 23.03 13.12
N ILE D 183 -26.53 22.57 12.24
CA ILE D 183 -27.75 23.30 11.89
C ILE D 183 -28.93 22.34 11.86
N PRO D 184 -30.10 22.76 12.39
CA PRO D 184 -31.26 21.85 12.39
C PRO D 184 -31.77 21.46 11.01
N GLU D 185 -31.42 22.24 9.98
CA GLU D 185 -31.75 21.91 8.59
C GLU D 185 -31.21 20.53 8.15
N PHE D 186 -30.14 20.05 8.80
CA PHE D 186 -29.68 18.70 8.51
C PHE D 186 -30.68 17.57 8.76
N ILE D 187 -31.60 17.77 9.70
N ILE D 187 -31.59 17.76 9.72
CA ILE D 187 -32.56 16.73 10.07
CA ILE D 187 -32.55 16.71 10.08
C ILE D 187 -33.49 16.34 8.92
C ILE D 187 -33.49 16.34 8.92
N PRO D 188 -34.26 17.31 8.38
CA PRO D 188 -35.10 16.92 7.22
C PRO D 188 -34.30 16.55 5.96
N PHE D 189 -33.10 17.14 5.80
CA PHE D 189 -32.25 16.84 4.63
C PHE D 189 -31.75 15.39 4.67
N THR D 190 -31.45 14.92 5.88
CA THR D 190 -30.83 13.62 6.07
C THR D 190 -31.86 12.51 6.35
N LYS D 191 -33.13 12.90 6.41
CA LYS D 191 -34.21 11.98 6.76
C LYS D 191 -34.11 10.61 6.06
N ASP D 192 -34.06 9.56 6.86
CA ASP D 192 -34.12 8.15 6.40
C ASP D 192 -33.00 7.73 5.45
N ALA D 193 -31.88 8.44 5.48
CA ALA D 193 -30.75 8.08 4.65
C ALA D 193 -30.30 6.66 4.95
N ASP D 194 -29.95 5.91 3.91
CA ASP D 194 -29.39 4.58 4.07
C ASP D 194 -27.99 4.64 4.66
N LEU D 195 -27.25 5.69 4.28
CA LEU D 195 -25.91 5.96 4.80
C LEU D 195 -25.75 7.47 4.94
N PHE D 196 -25.29 7.89 6.11
CA PHE D 196 -24.98 9.30 6.38
C PHE D 196 -23.47 9.36 6.58
N ILE D 197 -22.77 9.93 5.59
CA ILE D 197 -21.33 10.17 5.67
C ILE D 197 -21.18 11.56 6.25
N CYS D 198 -20.78 11.64 7.52
CA CYS D 198 -20.80 12.91 8.22
C CYS D 198 -19.43 13.28 8.83
N GLU D 199 -19.01 14.52 8.59
CA GLU D 199 -17.82 15.05 9.22
C GLU D 199 -17.93 14.98 10.73
N CYS D 200 -16.83 14.66 11.38
CA CYS D 200 -16.79 14.62 12.84
C CYS D 200 -15.42 15.06 13.28
N ASN D 201 -15.17 16.36 13.17
CA ASN D 201 -13.83 16.85 13.39
C ASN D 201 -13.48 16.99 14.86
N TYR D 203 -14.04 15.90 19.10
CA TYR D 203 -14.49 15.00 20.16
C TYR D 203 -15.60 15.67 20.97
N ALA D 204 -16.34 14.86 21.73
CA ALA D 204 -17.51 15.34 22.47
C ALA D 204 -17.19 16.50 23.44
N HIS D 205 -15.98 16.45 24.00
CA HIS D 205 -15.55 17.46 24.97
C HIS D 205 -15.10 18.79 24.34
N GLN D 206 -15.15 18.86 23.00
CA GLN D 206 -14.69 20.04 22.28
C GLN D 206 -15.80 20.82 21.62
N GLU D 207 -15.74 22.14 21.74
CA GLU D 207 -16.63 23.04 21.03
C GLU D 207 -16.22 23.06 19.56
N ALA D 208 -17.20 22.86 18.67
CA ALA D 208 -16.92 22.66 17.25
C ALA D 208 -17.53 23.72 16.33
N ALA D 209 -18.59 24.39 16.81
CA ALA D 209 -19.36 25.32 15.98
C ALA D 209 -18.53 26.49 15.45
N LYS D 210 -17.70 27.07 16.30
CA LYS D 210 -16.86 28.22 15.91
C LYS D 210 -15.91 27.91 14.75
N ALA D 211 -15.61 26.62 14.58
CA ALA D 211 -14.71 26.17 13.52
C ALA D 211 -15.45 25.79 12.22
N GLY D 212 -16.78 25.83 12.23
CA GLY D 212 -17.56 25.35 11.10
C GLY D 212 -17.48 23.83 10.98
N HIS D 213 -17.36 23.17 12.14
CA HIS D 213 -17.29 21.70 12.23
C HIS D 213 -18.29 21.19 13.27
N ASN D 215 -19.04 18.10 16.48
CA ASN D 215 -18.51 17.06 17.36
C ASN D 215 -19.36 15.80 17.33
N SER D 216 -18.87 14.72 17.96
CA SER D 216 -19.56 13.43 17.90
C SER D 216 -20.98 13.50 18.45
N THR D 217 -21.18 14.30 19.50
CA THR D 217 -22.52 14.51 20.08
C THR D 217 -23.50 15.08 19.05
N GLU D 218 -23.08 16.14 18.36
CA GLU D 218 -23.92 16.82 17.37
C GLU D 218 -24.22 15.92 16.18
N VAL D 219 -23.19 15.23 15.70
CA VAL D 219 -23.34 14.30 14.58
C VAL D 219 -24.33 13.19 14.93
N ALA D 220 -24.14 12.58 16.10
CA ALA D 220 -25.03 11.50 16.56
C ALA D 220 -26.48 11.97 16.72
N SER D 221 -26.67 13.22 17.16
N SER D 221 -26.66 13.22 17.14
CA SER D 221 -28.01 13.77 17.31
CA SER D 221 -27.98 13.83 17.31
C SER D 221 -28.73 13.80 15.95
C SER D 221 -28.74 13.94 15.99
N ILE D 222 -28.02 14.20 14.89
CA ILE D 222 -28.60 14.19 13.55
C ILE D 222 -28.96 12.76 13.12
N ALA D 223 -28.04 11.83 13.35
CA ALA D 223 -28.25 10.45 12.96
C ALA D 223 -29.52 9.89 13.61
N LYS D 224 -29.67 10.17 14.91
CA LYS D 224 -30.85 9.78 15.70
C LYS D 224 -32.10 10.49 15.15
N ASP D 225 -32.09 11.82 15.16
CA ASP D 225 -33.27 12.61 14.77
C ASP D 225 -33.75 12.36 13.34
N ALA D 226 -32.82 12.06 12.43
CA ALA D 226 -33.14 11.80 11.02
C ALA D 226 -33.41 10.31 10.73
N ASN D 227 -33.27 9.47 11.75
CA ASN D 227 -33.48 8.03 11.62
C ASN D 227 -32.64 7.42 10.49
N VAL D 228 -31.35 7.76 10.46
CA VAL D 228 -30.46 7.13 9.50
C VAL D 228 -30.17 5.67 9.87
N LYS D 229 -29.89 4.87 8.85
CA LYS D 229 -29.67 3.46 9.02
C LYS D 229 -28.22 3.13 9.37
N GLU D 230 -27.31 3.91 8.81
CA GLU D 230 -25.88 3.74 9.07
C GLU D 230 -25.20 5.08 9.11
N LEU D 231 -24.33 5.25 10.08
CA LEU D 231 -23.55 6.48 10.23
C LEU D 231 -22.07 6.18 10.02
N LEU D 232 -21.46 6.92 9.11
CA LEU D 232 -20.03 6.84 8.84
C LEU D 232 -19.36 8.16 9.24
N LEU D 233 -18.47 8.11 10.24
CA LEU D 233 -17.79 9.29 10.75
C LEU D 233 -16.55 9.53 9.95
N THR D 234 -16.41 10.75 9.43
CA THR D 234 -15.28 11.05 8.56
C THR D 234 -14.69 12.46 8.82
N HIS D 235 -13.74 12.89 7.98
CA HIS D 235 -13.08 14.18 8.15
C HIS D 235 -12.43 14.26 9.52
N LEU D 236 -11.63 13.23 9.81
CA LEU D 236 -11.16 12.96 11.17
C LEU D 236 -10.03 13.88 11.66
N PRO D 237 -9.97 14.09 12.99
CA PRO D 237 -8.93 14.92 13.59
C PRO D 237 -7.60 14.19 13.76
N HIS D 238 -6.57 14.97 14.12
CA HIS D 238 -5.19 14.53 14.18
C HIS D 238 -4.65 14.48 15.60
N THR D 239 -5.55 14.55 16.57
CA THR D 239 -5.21 14.32 17.97
C THR D 239 -6.07 13.19 18.50
N GLY D 240 -5.62 12.60 19.60
CA GLY D 240 -6.39 11.58 20.29
C GLY D 240 -6.52 10.29 19.50
N ASN D 241 -7.49 9.47 19.90
N ASN D 241 -7.48 9.46 19.92
CA ASN D 241 -7.78 8.22 19.22
CA ASN D 241 -7.81 8.22 19.23
C ASN D 241 -9.15 8.32 18.56
C ASN D 241 -9.16 8.40 18.57
N PRO D 242 -9.21 8.51 17.23
CA PRO D 242 -10.51 8.71 16.55
C PRO D 242 -11.57 7.62 16.79
N ALA D 243 -11.14 6.41 17.13
CA ALA D 243 -12.08 5.36 17.52
C ALA D 243 -12.99 5.80 18.66
N ASP D 244 -12.50 6.70 19.52
CA ASP D 244 -13.31 7.24 20.63
C ASP D 244 -14.52 8.00 20.12
N LEU D 245 -14.44 8.53 18.90
CA LEU D 245 -15.57 9.24 18.30
C LEU D 245 -16.78 8.31 18.11
N VAL D 246 -16.51 7.04 17.79
CA VAL D 246 -17.57 6.03 17.63
C VAL D 246 -18.22 5.76 19.00
N THR D 247 -17.38 5.56 20.03
CA THR D 247 -17.86 5.39 21.40
C THR D 247 -18.76 6.53 21.86
N GLU D 248 -18.29 7.77 21.66
CA GLU D 248 -19.05 8.95 22.05
C GLU D 248 -20.39 9.01 21.30
N ALA D 249 -20.35 8.73 20.00
CA ALA D 249 -21.57 8.73 19.17
C ALA D 249 -22.58 7.66 19.59
N LYS D 250 -22.07 6.48 19.95
CA LYS D 250 -22.94 5.35 20.33
C LYS D 250 -23.77 5.64 21.57
N GLN D 251 -23.33 6.59 22.38
CA GLN D 251 -24.09 7.00 23.58
C GLN D 251 -25.45 7.62 23.23
N ILE D 252 -25.53 8.19 22.03
CA ILE D 252 -26.69 8.99 21.59
C ILE D 252 -27.48 8.29 20.48
N PHE D 253 -26.75 7.75 19.50
CA PHE D 253 -27.36 7.09 18.36
C PHE D 253 -27.15 5.58 18.47
N SER D 254 -28.24 4.82 18.42
CA SER D 254 -28.21 3.38 18.67
C SER D 254 -28.05 2.52 17.40
N GLY D 255 -28.05 3.17 16.23
CA GLY D 255 -27.90 2.47 14.96
C GLY D 255 -26.45 2.11 14.65
N HIS D 256 -26.20 1.66 13.43
CA HIS D 256 -24.86 1.22 13.04
C HIS D 256 -23.92 2.42 12.86
N ILE D 257 -22.74 2.36 13.47
CA ILE D 257 -21.75 3.43 13.38
C ILE D 257 -20.38 2.87 13.05
N THR D 258 -19.72 3.52 12.09
CA THR D 258 -18.41 3.09 11.61
C THR D 258 -17.51 4.32 11.47
N LEU D 259 -16.23 4.14 11.77
CA LEU D 259 -15.25 5.15 11.48
C LEU D 259 -14.75 4.98 10.04
N ALA D 260 -14.65 6.07 9.29
CA ALA D 260 -14.06 5.98 7.95
C ALA D 260 -12.61 5.48 8.05
N HIS D 261 -12.20 4.73 7.03
CA HIS D 261 -10.83 4.26 6.88
C HIS D 261 -10.56 4.05 5.39
N SER D 262 -9.29 3.95 5.02
CA SER D 262 -8.94 3.80 3.60
C SER D 262 -9.51 2.54 3.02
N GLY D 263 -10.30 2.67 1.96
CA GLY D 263 -10.85 1.50 1.29
C GLY D 263 -12.08 0.92 1.98
N TYR D 264 -12.63 1.63 2.97
CA TYR D 264 -13.95 1.25 3.49
C TYR D 264 -14.93 1.22 2.34
N VAL D 265 -15.68 0.14 2.20
CA VAL D 265 -16.70 0.01 1.17
C VAL D 265 -18.09 -0.20 1.79
N TRP D 266 -19.05 0.59 1.35
CA TRP D 266 -20.47 0.40 1.68
C TRP D 266 -21.15 -0.21 0.48
N ASN D 267 -21.83 -1.32 0.71
CA ASN D 267 -22.57 -2.02 -0.32
C ASN D 267 -24.04 -1.98 0.03
N SER D 268 -24.84 -1.39 -0.84
CA SER D 268 -26.26 -1.25 -0.55
C SER D 268 -27.04 -2.56 -0.73
#